data_4FDI
#
_entry.id   4FDI
#
_cell.length_a   61.372
_cell.length_b   155.522
_cell.length_c   62.555
_cell.angle_alpha   90.000
_cell.angle_beta   113.760
_cell.angle_gamma   90.000
#
_symmetry.space_group_name_H-M   'P 1 21 1'
#
loop_
_entity.id
_entity.type
_entity.pdbx_description
1 polymer N-acetylgalactosamine-6-sulfatase
2 non-polymer 2-acetamido-2-deoxy-beta-D-glucopyranose
3 non-polymer 'CALCIUM ION'
4 non-polymer 'CITRIC ACID'
5 non-polymer GLYCEROL
6 water water
#
_entity_poly.entity_id   1
_entity_poly.type   'polypeptide(L)'
_entity_poly.pdbx_seq_one_letter_code
;APQPPNILLLLMDDMGWGDLGVYGEPSRETPNLDRMAAEGLLFPNFYSANPL(DDZ)SPSRAALLTGRLPIRNGFYTTNA
HARNAYTPQEIVGGIPDSEQLLPELLKKAGYVSKIVGKWHLGHRPQFHPLKHGFDEWFGSPNCHFGPYDNKARPNIPVYR
DWEMVGRYYEEFPINLKTGEANLTQIYLQEALDFIKRQARHHPFFLYWAVDATHAPVYASKPFLGTSQRGRYGDAVREID
DSIGKILELLQDLHVADNTFVFFTSDNGAALISAPEQGGSNGPFLCGKQTTFEGGMREPALAWWPGHVTAGQVSHQLGSI
MDLFTTSLALAGLTPPSDRAIDGLNLLPTLLQGRLMDRPIFYYRGDTLMAATLGQHKAHFWTWTNSWENFRQGIDFCPGQ
NVSGVTTHNLEDHTKLPLIFHLGRDPGERFPLSFASAEYQEALSRITSVVQQHQEALVPAQPQLNVCNWAVMNWAPPGCE
KLGKCLTPPESIPKKCLWSHHHHHHH
;
_entity_poly.pdbx_strand_id   A,B
#
# COMPACT_ATOMS: atom_id res chain seq x y z
N GLN A 3 -0.94 22.43 34.73
CA GLN A 3 -1.83 21.25 34.48
C GLN A 3 -1.29 20.31 33.39
N PRO A 4 -1.23 19.00 33.68
CA PRO A 4 -0.81 18.01 32.69
C PRO A 4 -1.79 17.93 31.51
N PRO A 5 -1.29 17.54 30.33
CA PRO A 5 -2.17 17.48 29.15
C PRO A 5 -3.16 16.33 29.20
N ASN A 6 -4.37 16.58 28.68
CA ASN A 6 -5.34 15.52 28.47
C ASN A 6 -4.78 14.47 27.51
N ILE A 7 -5.19 13.22 27.70
CA ILE A 7 -4.71 12.12 26.87
C ILE A 7 -5.91 11.42 26.23
N LEU A 8 -5.88 11.33 24.91
CA LEU A 8 -6.94 10.69 24.16
C LEU A 8 -6.39 9.54 23.33
N LEU A 9 -6.78 8.32 23.67
CA LEU A 9 -6.32 7.14 22.92
C LEU A 9 -7.45 6.56 22.08
N LEU A 10 -7.28 6.64 20.76
CA LEU A 10 -8.23 6.10 19.81
C LEU A 10 -7.73 4.75 19.32
N LEU A 11 -8.29 3.69 19.88
CA LEU A 11 -7.91 2.34 19.53
C LEU A 11 -8.98 1.65 18.71
N MET A 12 -8.60 1.34 17.47
CA MET A 12 -9.48 0.67 16.52
C MET A 12 -9.42 -0.84 16.70
N ASP A 13 -10.39 -1.53 16.12
CA ASP A 13 -10.51 -2.97 16.22
C ASP A 13 -10.40 -3.58 14.82
N ASP A 14 -9.35 -4.37 14.59
CA ASP A 14 -9.13 -5.10 13.32
C ASP A 14 -8.88 -4.23 12.09
N MET A 15 -8.56 -2.95 12.31
CA MET A 15 -8.14 -2.07 11.23
C MET A 15 -6.67 -2.27 10.88
N GLY A 16 -6.39 -2.48 9.59
CA GLY A 16 -5.05 -2.82 9.11
C GLY A 16 -4.24 -1.62 8.64
N TRP A 17 -2.97 -1.89 8.31
CA TRP A 17 -2.01 -0.87 7.91
C TRP A 17 -2.40 -0.18 6.61
N GLY A 18 -3.15 -0.89 5.77
CA GLY A 18 -3.58 -0.33 4.48
C GLY A 18 -4.96 0.32 4.46
N ASP A 19 -5.56 0.51 5.64
CA ASP A 19 -6.93 1.04 5.74
C ASP A 19 -7.11 2.56 5.65
N LEU A 20 -6.03 3.33 5.87
CA LEU A 20 -6.13 4.79 5.79
C LEU A 20 -5.66 5.32 4.45
N GLY A 21 -6.33 6.37 3.97
CA GLY A 21 -5.95 7.06 2.74
C GLY A 21 -4.48 7.46 2.74
N VAL A 22 -4.05 8.13 3.81
CA VAL A 22 -2.65 8.54 3.97
C VAL A 22 -1.69 7.33 4.01
N TYR A 23 -2.18 6.15 4.39
CA TYR A 23 -1.35 4.95 4.37
C TYR A 23 -1.29 4.29 3.00
N GLY A 24 -2.10 4.78 2.07
CA GLY A 24 -2.12 4.29 0.69
C GLY A 24 -3.37 3.55 0.25
N GLU A 25 -4.44 3.59 1.05
CA GLU A 25 -5.72 3.03 0.62
C GLU A 25 -6.21 3.73 -0.67
N PRO A 26 -6.46 2.96 -1.75
CA PRO A 26 -6.71 3.60 -3.05
C PRO A 26 -7.96 4.48 -3.14
N SER A 27 -8.99 4.14 -2.37
CA SER A 27 -10.24 4.91 -2.41
C SER A 27 -10.19 6.25 -1.65
N ARG A 28 -9.17 6.41 -0.79
CA ARG A 28 -8.93 7.67 -0.07
C ARG A 28 -10.18 8.17 0.64
N GLU A 29 -10.65 7.36 1.59
CA GLU A 29 -11.94 7.60 2.24
C GLU A 29 -11.81 7.97 3.71
N THR A 30 -10.60 8.33 4.13
CA THR A 30 -10.36 8.78 5.50
C THR A 30 -9.81 10.23 5.56
N PRO A 31 -10.61 11.22 5.11
CA PRO A 31 -10.10 12.60 5.04
C PRO A 31 -9.74 13.20 6.40
N ASN A 32 -10.47 12.83 7.44
CA ASN A 32 -10.22 13.32 8.79
C ASN A 32 -8.95 12.76 9.43
N LEU A 33 -8.73 11.46 9.28
CA LEU A 33 -7.50 10.85 9.73
C LEU A 33 -6.31 11.32 8.89
N ASP A 34 -6.52 11.54 7.59
CA ASP A 34 -5.47 12.09 6.74
C ASP A 34 -5.07 13.49 7.22
N ARG A 35 -6.06 14.27 7.65
CA ARG A 35 -5.81 15.62 8.18
C ARG A 35 -5.13 15.55 9.55
N MET A 36 -5.44 14.52 10.34
CA MET A 36 -4.77 14.27 11.62
C MET A 36 -3.28 14.02 11.36
N ALA A 37 -3.01 13.13 10.39
CA ALA A 37 -1.65 12.86 9.95
C ALA A 37 -0.94 14.14 9.49
N ALA A 38 -1.59 14.90 8.61
CA ALA A 38 -1.02 16.16 8.09
C ALA A 38 -0.73 17.18 9.19
N GLU A 39 -1.47 17.08 10.29
CA GLU A 39 -1.32 17.99 11.43
C GLU A 39 -0.46 17.39 12.54
N GLY A 40 0.11 16.21 12.31
CA GLY A 40 0.86 15.51 13.33
C GLY A 40 2.00 14.65 12.81
N LEU A 41 2.26 13.57 13.52
CA LEU A 41 3.35 12.64 13.20
C LEU A 41 2.79 11.29 12.81
N LEU A 42 3.33 10.71 11.75
CA LEU A 42 2.93 9.40 11.26
C LEU A 42 4.04 8.37 11.45
N PHE A 43 3.67 7.20 11.94
CA PHE A 43 4.58 6.06 12.15
C PHE A 43 4.32 4.95 11.13
N PRO A 44 5.26 4.75 10.19
CA PRO A 44 5.16 3.63 9.24
C PRO A 44 5.64 2.28 9.79
N ASN A 45 6.25 2.29 10.97
CA ASN A 45 6.86 1.11 11.57
C ASN A 45 6.36 0.89 12.99
N PHE A 46 5.04 0.84 13.14
CA PHE A 46 4.41 0.75 14.45
C PHE A 46 3.70 -0.58 14.61
N TYR A 47 3.76 -1.16 15.82
CA TYR A 47 3.29 -2.52 16.04
C TYR A 47 2.37 -2.68 17.25
N SER A 48 1.38 -3.55 17.13
CA SER A 48 0.62 -4.02 18.28
C SER A 48 1.42 -5.11 19.00
N ALA A 49 0.85 -5.70 20.04
CA ALA A 49 1.60 -6.62 20.90
C ALA A 49 1.19 -8.09 20.76
N ASN A 50 0.24 -8.38 19.88
CA ASN A 50 -0.27 -9.74 19.67
C ASN A 50 -1.10 -9.75 18.39
N PRO A 51 -1.35 -10.93 17.81
CA PRO A 51 -2.13 -10.98 16.57
C PRO A 51 -3.67 -10.92 16.75
N LEU A 52 -4.14 -10.68 17.96
CA LEU A 52 -5.59 -10.54 18.21
C LEU A 52 -5.94 -9.57 19.35
N SER A 54 -7.82 -9.21 22.74
CA SER A 54 -7.64 -9.10 24.21
C SER A 54 -6.19 -8.91 24.66
N PRO A 55 -5.26 -9.77 24.18
CA PRO A 55 -3.88 -9.65 24.65
C PRO A 55 -3.25 -8.28 24.32
N SER A 56 -3.57 -7.75 23.13
CA SER A 56 -3.09 -6.42 22.71
C SER A 56 -3.68 -5.29 23.53
N ARG A 57 -4.96 -5.42 23.88
CA ARG A 57 -5.59 -4.40 24.73
C ARG A 57 -5.01 -4.44 26.14
N ALA A 58 -4.72 -5.63 26.64
CA ALA A 58 -4.10 -5.80 27.95
C ALA A 58 -2.68 -5.25 27.94
N ALA A 59 -2.00 -5.42 26.80
CA ALA A 59 -0.64 -4.93 26.62
C ALA A 59 -0.58 -3.41 26.61
N LEU A 60 -1.54 -2.79 25.94
CA LEU A 60 -1.67 -1.34 25.90
C LEU A 60 -1.82 -0.76 27.31
N LEU A 61 -2.72 -1.36 28.09
CA LEU A 61 -3.11 -0.82 29.38
C LEU A 61 -2.14 -1.14 30.52
N THR A 62 -1.21 -2.06 30.28
CA THR A 62 -0.21 -2.45 31.28
C THR A 62 1.23 -2.05 30.89
N GLY A 63 1.43 -1.75 29.60
CA GLY A 63 2.76 -1.48 29.04
C GLY A 63 3.62 -2.72 29.00
N ARG A 64 2.96 -3.88 29.05
CA ARG A 64 3.62 -5.16 29.25
C ARG A 64 3.11 -6.20 28.27
N LEU A 65 4.02 -7.05 27.79
CA LEU A 65 3.67 -8.17 26.90
C LEU A 65 2.66 -9.12 27.55
N PRO A 66 1.77 -9.71 26.74
CA PRO A 66 0.79 -10.66 27.25
C PRO A 66 1.38 -11.81 28.08
N ILE A 67 2.63 -12.21 27.79
CA ILE A 67 3.30 -13.25 28.58
C ILE A 67 3.66 -12.78 30.00
N ARG A 68 3.74 -11.47 30.19
CA ARG A 68 3.93 -10.87 31.52
C ARG A 68 2.61 -10.60 32.23
N ASN A 69 1.60 -10.15 31.48
CA ASN A 69 0.35 -9.74 32.10
C ASN A 69 -0.69 -10.87 32.21
N GLY A 70 -0.35 -12.05 31.69
CA GLY A 70 -1.18 -13.25 31.81
C GLY A 70 -2.13 -13.52 30.66
N PHE A 71 -2.11 -12.68 29.64
CA PHE A 71 -3.09 -12.77 28.55
C PHE A 71 -2.66 -13.69 27.42
N TYR A 72 -2.44 -14.94 27.78
CA TYR A 72 -2.09 -15.99 26.82
C TYR A 72 -2.56 -17.33 27.34
N THR A 73 -2.49 -18.36 26.48
CA THR A 73 -2.81 -19.72 26.88
C THR A 73 -1.60 -20.63 26.79
N THR A 74 -1.61 -21.68 27.60
CA THR A 74 -0.61 -22.74 27.57
C THR A 74 -1.23 -24.09 27.18
N ASN A 75 -2.50 -24.08 26.79
CA ASN A 75 -3.24 -25.32 26.46
C ASN A 75 -2.58 -26.08 25.30
N ALA A 76 -1.96 -25.32 24.40
CA ALA A 76 -1.14 -25.84 23.32
C ALA A 76 -0.18 -24.72 22.91
N HIS A 77 0.91 -25.08 22.22
CA HIS A 77 1.94 -24.10 21.86
C HIS A 77 1.51 -23.18 20.73
N ALA A 78 1.91 -21.91 20.84
CA ALA A 78 1.63 -20.87 19.83
C ALA A 78 0.15 -20.72 19.46
N ARG A 79 -0.73 -20.77 20.46
CA ARG A 79 -2.17 -20.64 20.21
C ARG A 79 -2.65 -19.25 20.57
N ASN A 80 -3.39 -18.65 19.65
CA ASN A 80 -4.08 -17.41 19.91
C ASN A 80 -5.23 -17.67 20.89
N ALA A 81 -5.30 -16.83 21.92
CA ALA A 81 -6.39 -16.87 22.88
C ALA A 81 -6.85 -15.45 23.13
N TYR A 82 -8.08 -15.32 23.62
CA TYR A 82 -8.63 -14.04 24.00
C TYR A 82 -9.65 -14.28 25.11
N THR A 83 -10.44 -13.27 25.42
CA THR A 83 -11.46 -13.37 26.47
C THR A 83 -12.89 -13.50 25.89
N PRO A 84 -13.30 -14.72 25.48
CA PRO A 84 -14.72 -14.86 25.13
C PRO A 84 -15.60 -14.87 26.40
N GLN A 85 -16.91 -14.92 26.21
CA GLN A 85 -17.91 -14.91 27.30
C GLN A 85 -17.72 -15.98 28.37
N GLU A 86 -17.11 -17.11 28.00
CA GLU A 86 -16.98 -18.25 28.91
C GLU A 86 -15.64 -18.28 29.66
N ILE A 87 -14.78 -17.29 29.41
CA ILE A 87 -13.46 -17.26 30.03
C ILE A 87 -13.57 -17.07 31.56
N VAL A 88 -12.82 -17.87 32.30
CA VAL A 88 -12.84 -17.81 33.78
C VAL A 88 -11.92 -16.68 34.28
N GLY A 89 -10.77 -16.52 33.64
CA GLY A 89 -9.81 -15.48 34.02
C GLY A 89 -10.00 -14.11 33.38
N GLY A 90 -8.98 -13.26 33.56
CA GLY A 90 -9.04 -11.87 33.14
C GLY A 90 -7.89 -11.09 33.76
N ILE A 91 -7.94 -9.76 33.65
CA ILE A 91 -6.86 -8.92 34.15
C ILE A 91 -6.68 -9.11 35.68
N PRO A 92 -5.50 -9.59 36.10
CA PRO A 92 -5.28 -9.83 37.55
C PRO A 92 -5.15 -8.53 38.32
N ASP A 93 -5.48 -8.58 39.62
CA ASP A 93 -5.33 -7.44 40.53
C ASP A 93 -3.87 -6.99 40.67
N SER A 94 -2.94 -7.89 40.41
CA SER A 94 -1.51 -7.61 40.51
C SER A 94 -1.00 -6.66 39.41
N GLU A 95 -1.76 -6.56 38.33
CA GLU A 95 -1.41 -5.73 37.17
C GLU A 95 -1.79 -4.27 37.46
N GLN A 96 -0.95 -3.33 37.06
CA GLN A 96 -1.23 -1.90 37.27
C GLN A 96 -1.61 -1.22 35.95
N LEU A 97 -2.87 -0.83 35.83
CA LEU A 97 -3.37 -0.29 34.57
C LEU A 97 -3.17 1.22 34.48
N LEU A 98 -3.07 1.71 33.24
CA LEU A 98 -2.79 3.11 32.97
C LEU A 98 -3.76 4.07 33.69
N PRO A 99 -5.09 3.82 33.59
CA PRO A 99 -6.00 4.75 34.27
C PRO A 99 -5.88 4.75 35.80
N GLU A 100 -5.48 3.62 36.38
CA GLU A 100 -5.20 3.55 37.83
C GLU A 100 -4.05 4.48 38.16
N LEU A 101 -2.96 4.37 37.42
CA LEU A 101 -1.76 5.15 37.70
C LEU A 101 -1.95 6.64 37.43
N LEU A 102 -2.74 6.98 36.42
CA LEU A 102 -2.95 8.37 35.99
C LEU A 102 -3.63 9.25 37.04
N LYS A 103 -4.43 8.65 37.92
CA LYS A 103 -5.01 9.42 39.02
C LYS A 103 -3.99 9.93 40.04
N LYS A 104 -2.73 9.51 39.92
CA LYS A 104 -1.65 10.10 40.70
C LYS A 104 -1.30 11.51 40.21
N ALA A 105 -1.78 11.87 39.02
CA ALA A 105 -1.68 13.22 38.49
C ALA A 105 -3.06 13.87 38.32
N GLY A 106 -4.07 13.29 38.97
CA GLY A 106 -5.42 13.85 39.00
C GLY A 106 -6.29 13.65 37.77
N TYR A 107 -5.99 12.63 36.98
CA TYR A 107 -6.77 12.35 35.77
C TYR A 107 -8.12 11.71 36.09
N VAL A 108 -9.15 12.16 35.39
CA VAL A 108 -10.45 11.49 35.36
C VAL A 108 -10.46 10.68 34.07
N SER A 109 -10.74 9.38 34.20
CA SER A 109 -10.64 8.44 33.07
C SER A 109 -11.97 7.82 32.67
N LYS A 110 -12.19 7.72 31.36
CA LYS A 110 -13.35 7.02 30.82
C LYS A 110 -12.95 6.12 29.68
N ILE A 111 -13.53 4.92 29.68
CA ILE A 111 -13.47 4.01 28.54
C ILE A 111 -14.80 4.07 27.78
N VAL A 112 -14.70 4.22 26.46
CA VAL A 112 -15.85 4.14 25.58
C VAL A 112 -15.60 2.95 24.66
N GLY A 113 -16.51 1.98 24.67
CA GLY A 113 -16.40 0.84 23.78
C GLY A 113 -15.94 -0.45 24.44
N LYS A 114 -15.14 -1.22 23.70
CA LYS A 114 -14.84 -2.62 24.07
C LYS A 114 -13.67 -2.78 25.05
N TRP A 115 -13.91 -3.53 26.12
CA TRP A 115 -12.94 -3.76 27.20
C TRP A 115 -12.05 -4.97 26.87
N HIS A 116 -12.64 -6.16 26.90
CA HIS A 116 -11.98 -7.41 26.51
C HIS A 116 -10.84 -7.81 27.44
N LEU A 117 -10.93 -7.42 28.70
CA LEU A 117 -9.94 -7.81 29.70
C LEU A 117 -10.59 -8.65 30.79
N GLY A 118 -11.79 -9.15 30.49
CA GLY A 118 -12.56 -9.96 31.42
C GLY A 118 -13.93 -9.36 31.67
N HIS A 119 -14.95 -10.21 31.61
CA HIS A 119 -16.35 -9.78 31.72
C HIS A 119 -16.92 -10.01 33.13
N ARG A 120 -16.23 -10.84 33.91
CA ARG A 120 -16.69 -11.17 35.26
C ARG A 120 -16.55 -9.97 36.21
N PRO A 121 -17.30 -9.96 37.33
CA PRO A 121 -17.27 -8.83 38.25
C PRO A 121 -15.88 -8.32 38.68
N GLN A 122 -14.94 -9.22 39.00
CA GLN A 122 -13.64 -8.78 39.49
C GLN A 122 -12.79 -8.06 38.42
N PHE A 123 -13.15 -8.24 37.15
CA PHE A 123 -12.40 -7.67 36.03
C PHE A 123 -13.03 -6.40 35.43
N HIS A 124 -14.10 -5.92 36.06
CA HIS A 124 -14.78 -4.69 35.64
C HIS A 124 -13.81 -3.51 35.54
N PRO A 125 -13.88 -2.75 34.44
CA PRO A 125 -12.97 -1.61 34.24
C PRO A 125 -12.96 -0.60 35.39
N LEU A 126 -14.11 -0.38 36.04
CA LEU A 126 -14.20 0.58 37.14
C LEU A 126 -13.53 0.09 38.43
N LYS A 127 -13.12 -1.18 38.45
CA LYS A 127 -12.30 -1.70 39.53
C LYS A 127 -10.81 -1.62 39.15
N HIS A 128 -10.55 -1.21 37.92
CA HIS A 128 -9.18 -1.16 37.40
C HIS A 128 -8.75 0.21 36.89
N GLY A 129 -9.30 1.26 37.48
CA GLY A 129 -8.80 2.62 37.22
C GLY A 129 -9.71 3.58 36.49
N PHE A 130 -10.58 3.07 35.64
CA PHE A 130 -11.54 3.92 34.93
C PHE A 130 -12.64 4.41 35.87
N ASP A 131 -12.99 5.69 35.74
CA ASP A 131 -14.06 6.26 36.55
C ASP A 131 -15.42 6.03 35.90
N GLU A 132 -15.43 6.05 34.56
CA GLU A 132 -16.66 5.90 33.78
C GLU A 132 -16.50 4.86 32.67
N TRP A 133 -17.62 4.27 32.27
CA TRP A 133 -17.67 3.32 31.17
C TRP A 133 -18.98 3.42 30.40
N PHE A 134 -18.89 3.49 29.08
CA PHE A 134 -20.00 3.05 28.23
C PHE A 134 -19.47 2.12 27.15
N GLY A 135 -19.87 0.86 27.22
CA GLY A 135 -19.43 -0.13 26.24
C GLY A 135 -19.68 -1.53 26.71
N SER A 136 -19.10 -2.50 26.01
CA SER A 136 -19.28 -3.91 26.32
C SER A 136 -17.96 -4.55 26.77
N PRO A 137 -18.03 -5.52 27.69
CA PRO A 137 -16.84 -6.27 28.03
C PRO A 137 -16.39 -7.22 26.90
N ASN A 138 -17.31 -7.53 25.98
CA ASN A 138 -17.05 -8.50 24.91
C ASN A 138 -17.29 -7.96 23.51
N CYS A 139 -17.11 -8.83 22.51
CA CYS A 139 -17.39 -8.50 21.12
C CYS A 139 -18.89 -8.25 20.94
N HIS A 140 -19.29 -7.87 19.73
CA HIS A 140 -20.71 -7.68 19.45
C HIS A 140 -21.30 -8.78 18.56
N PHE A 141 -20.84 -10.02 18.75
CA PHE A 141 -21.40 -11.14 17.99
C PHE A 141 -22.78 -11.53 18.51
N GLY A 142 -23.63 -11.96 17.58
CA GLY A 142 -24.96 -12.46 17.88
C GLY A 142 -25.76 -12.56 16.59
N PRO A 143 -27.09 -12.66 16.70
CA PRO A 143 -27.82 -12.77 17.96
C PRO A 143 -27.80 -14.19 18.50
N TYR A 144 -27.82 -14.32 19.82
CA TYR A 144 -27.91 -15.62 20.47
C TYR A 144 -29.32 -15.89 20.98
N ASP A 145 -29.60 -17.15 21.29
CA ASP A 145 -30.96 -17.58 21.68
C ASP A 145 -31.24 -17.45 23.19
N ASN A 146 -30.25 -16.98 23.95
CA ASN A 146 -30.38 -16.80 25.39
C ASN A 146 -30.62 -18.10 26.17
N LYS A 147 -30.26 -19.24 25.56
CA LYS A 147 -30.32 -20.54 26.22
C LYS A 147 -28.98 -21.26 26.14
N ALA A 148 -28.43 -21.34 24.93
CA ALA A 148 -27.10 -21.89 24.70
C ALA A 148 -26.01 -20.87 25.11
N ARG A 149 -26.25 -19.60 24.78
CA ARG A 149 -25.48 -18.48 25.32
C ARG A 149 -26.30 -17.20 25.37
N PRO A 150 -25.98 -16.28 26.29
CA PRO A 150 -26.77 -15.06 26.38
C PRO A 150 -26.28 -13.98 25.42
N ASN A 151 -27.17 -13.08 25.02
CA ASN A 151 -26.74 -11.90 24.28
C ASN A 151 -25.80 -11.06 25.15
N ILE A 152 -24.84 -10.42 24.49
CA ILE A 152 -23.76 -9.69 25.16
C ILE A 152 -24.24 -8.34 25.71
N PRO A 153 -23.92 -8.04 26.99
CA PRO A 153 -24.41 -6.82 27.62
C PRO A 153 -23.61 -5.57 27.27
N VAL A 154 -24.30 -4.44 27.27
CA VAL A 154 -23.68 -3.13 27.15
C VAL A 154 -23.82 -2.48 28.52
N TYR A 155 -22.74 -1.92 29.04
CA TYR A 155 -22.74 -1.27 30.35
C TYR A 155 -22.78 0.25 30.28
N ARG A 156 -23.43 0.87 31.26
CA ARG A 156 -23.07 2.22 31.68
C ARG A 156 -22.50 2.11 33.08
N ASP A 157 -21.20 2.41 33.20
CA ASP A 157 -20.50 2.33 34.48
C ASP A 157 -20.63 0.94 35.11
N TRP A 158 -21.20 0.85 36.31
CA TRP A 158 -21.25 -0.41 37.06
C TRP A 158 -22.23 -1.44 36.52
N GLU A 159 -23.26 -1.01 35.80
CA GLU A 159 -24.36 -1.90 35.46
C GLU A 159 -24.73 -1.89 33.99
N MET A 160 -25.24 -3.03 33.52
CA MET A 160 -25.73 -3.17 32.16
C MET A 160 -26.94 -2.26 31.95
N VAL A 161 -27.04 -1.70 30.74
CA VAL A 161 -28.22 -0.94 30.34
C VAL A 161 -28.99 -1.65 29.24
N GLY A 162 -28.50 -2.83 28.86
CA GLY A 162 -29.13 -3.62 27.81
C GLY A 162 -28.19 -4.65 27.21
N ARG A 163 -28.66 -5.34 26.18
CA ARG A 163 -27.87 -6.32 25.47
C ARG A 163 -27.86 -5.99 23.98
N TYR A 164 -26.78 -6.36 23.29
CA TYR A 164 -26.72 -6.33 21.84
C TYR A 164 -27.84 -7.20 21.27
N TYR A 165 -28.40 -6.75 20.13
CA TYR A 165 -29.51 -7.44 19.45
C TYR A 165 -30.82 -7.37 20.25
N GLU A 166 -30.82 -6.57 21.31
CA GLU A 166 -32.02 -6.30 22.09
C GLU A 166 -32.22 -4.78 22.19
N GLU A 167 -31.78 -4.16 23.30
CA GLU A 167 -31.80 -2.69 23.42
C GLU A 167 -30.85 -2.01 22.42
N PHE A 168 -29.80 -2.73 22.02
CA PHE A 168 -28.83 -2.21 21.05
C PHE A 168 -28.83 -3.04 19.77
N PRO A 169 -29.76 -2.72 18.84
CA PRO A 169 -29.96 -3.50 17.63
C PRO A 169 -28.78 -3.40 16.67
N ILE A 170 -28.40 -4.54 16.11
CA ILE A 170 -27.49 -4.61 14.99
C ILE A 170 -28.21 -5.43 13.93
N ASN A 171 -28.50 -4.79 12.79
CA ASN A 171 -29.15 -5.46 11.67
C ASN A 171 -28.08 -6.09 10.78
N LEU A 172 -28.03 -7.42 10.81
CA LEU A 172 -27.03 -8.19 10.07
C LEU A 172 -27.31 -8.28 8.56
N LYS A 173 -28.57 -8.08 8.16
CA LYS A 173 -28.94 -8.08 6.75
C LYS A 173 -28.47 -6.81 6.05
N THR A 174 -28.74 -5.67 6.68
CA THR A 174 -28.45 -4.36 6.10
C THR A 174 -27.11 -3.79 6.59
N GLY A 175 -26.72 -4.14 7.81
CA GLY A 175 -25.50 -3.61 8.42
C GLY A 175 -25.77 -2.46 9.36
N GLU A 176 -27.06 -2.12 9.56
CA GLU A 176 -27.41 -0.94 10.35
C GLU A 176 -27.24 -1.10 11.86
N ALA A 177 -26.52 -0.16 12.47
CA ALA A 177 -26.46 0.01 13.92
C ALA A 177 -25.98 1.42 14.27
N ASN A 178 -26.52 1.96 15.36
CA ASN A 178 -26.25 3.33 15.79
C ASN A 178 -25.08 3.46 16.77
N LEU A 179 -24.39 2.35 17.03
CA LEU A 179 -23.42 2.29 18.13
C LEU A 179 -22.21 3.23 18.02
N THR A 180 -21.72 3.46 16.80
CA THR A 180 -20.62 4.40 16.61
C THR A 180 -21.06 5.86 16.92
N GLN A 181 -22.31 6.19 16.59
CA GLN A 181 -22.87 7.50 16.97
C GLN A 181 -23.00 7.65 18.48
N ILE A 182 -23.45 6.60 19.15
CA ILE A 182 -23.50 6.58 20.61
C ILE A 182 -22.10 6.76 21.20
N TYR A 183 -21.12 6.01 20.68
CA TYR A 183 -19.73 6.09 21.16
C TYR A 183 -19.12 7.48 20.97
N LEU A 184 -19.41 8.10 19.83
CA LEU A 184 -19.02 9.49 19.57
C LEU A 184 -19.61 10.45 20.62
N GLN A 185 -20.91 10.35 20.86
CA GLN A 185 -21.59 11.22 21.81
C GLN A 185 -21.07 11.02 23.24
N GLU A 186 -20.72 9.78 23.57
CA GLU A 186 -20.11 9.49 24.87
C GLU A 186 -18.74 10.18 25.00
N ALA A 187 -18.02 10.25 23.88
CA ALA A 187 -16.70 10.88 23.85
C ALA A 187 -16.82 12.39 24.03
N LEU A 188 -17.70 13.02 23.24
CA LEU A 188 -17.92 14.47 23.28
C LEU A 188 -18.45 14.96 24.62
N ASP A 189 -19.43 14.26 25.18
CA ASP A 189 -20.02 14.61 26.47
C ASP A 189 -18.97 14.62 27.57
N PHE A 190 -18.09 13.62 27.53
CA PHE A 190 -17.02 13.47 28.51
C PHE A 190 -15.95 14.55 28.37
N ILE A 191 -15.58 14.87 27.13
CA ILE A 191 -14.63 15.94 26.86
C ILE A 191 -15.18 17.29 27.36
N LYS A 192 -16.46 17.55 27.12
CA LYS A 192 -17.10 18.80 27.54
C LYS A 192 -17.20 18.96 29.06
N ARG A 193 -17.58 17.89 29.75
CA ARG A 193 -17.65 17.88 31.21
C ARG A 193 -16.30 18.07 31.90
N GLN A 194 -15.23 17.54 31.30
CA GLN A 194 -13.91 17.53 31.96
C GLN A 194 -13.02 18.74 31.67
N ALA A 195 -13.12 19.28 30.46
CA ALA A 195 -12.30 20.43 30.06
C ALA A 195 -12.46 21.63 30.99
N ARG A 196 -11.32 22.18 31.42
CA ARG A 196 -11.25 23.26 32.44
C ARG A 196 -11.82 22.86 33.81
N HIS A 197 -11.71 21.57 34.15
CA HIS A 197 -12.07 21.07 35.48
C HIS A 197 -11.03 20.08 36.00
N HIS A 198 -10.78 19.03 35.22
CA HIS A 198 -9.78 18.02 35.54
C HIS A 198 -9.07 17.62 34.26
N PRO A 199 -7.77 17.27 34.35
CA PRO A 199 -7.12 16.59 33.22
C PRO A 199 -7.85 15.28 32.91
N PHE A 200 -8.07 14.99 31.62
CA PHE A 200 -8.83 13.80 31.24
C PHE A 200 -8.06 12.76 30.44
N PHE A 201 -8.39 11.49 30.69
CA PHE A 201 -7.92 10.39 29.86
C PHE A 201 -9.12 9.71 29.25
N LEU A 202 -9.20 9.75 27.93
CA LEU A 202 -10.25 9.03 27.20
C LEU A 202 -9.68 7.86 26.39
N TYR A 203 -10.21 6.67 26.67
CA TYR A 203 -9.86 5.46 25.95
C TYR A 203 -11.02 5.11 25.05
N TRP A 204 -10.88 5.45 23.77
CA TRP A 204 -11.98 5.33 22.81
C TRP A 204 -11.77 4.06 21.97
N ALA A 205 -12.34 2.96 22.47
CA ALA A 205 -12.13 1.66 21.88
C ALA A 205 -13.36 1.18 21.10
N VAL A 206 -13.61 1.81 19.96
CA VAL A 206 -14.73 1.42 19.10
C VAL A 206 -14.45 0.08 18.41
N ASP A 207 -15.50 -0.51 17.83
CA ASP A 207 -15.37 -1.85 17.23
C ASP A 207 -16.29 -2.09 16.02
N ALA A 208 -16.75 -1.02 15.38
CA ALA A 208 -17.62 -1.15 14.21
C ALA A 208 -16.97 -1.94 13.09
N THR A 209 -15.64 -1.90 13.04
CA THR A 209 -14.84 -2.56 12.01
C THR A 209 -14.54 -4.03 12.31
N HIS A 210 -14.96 -4.51 13.49
CA HIS A 210 -14.86 -5.92 13.84
C HIS A 210 -16.12 -6.64 13.35
N ALA A 211 -15.95 -7.77 12.66
CA ALA A 211 -17.10 -8.54 12.15
C ALA A 211 -17.99 -9.02 13.29
N PRO A 212 -19.32 -8.97 13.11
CA PRO A 212 -20.00 -8.44 11.92
C PRO A 212 -20.02 -6.90 11.90
N VAL A 213 -19.63 -6.32 10.78
CA VAL A 213 -19.42 -4.89 10.65
C VAL A 213 -20.75 -4.13 10.62
N TYR A 214 -20.76 -2.93 11.21
CA TYR A 214 -21.98 -2.10 11.19
C TYR A 214 -21.70 -0.62 10.99
N ALA A 215 -22.74 0.12 10.61
CA ALA A 215 -22.69 1.56 10.42
C ALA A 215 -24.09 2.16 10.58
N SER A 216 -24.16 3.42 10.98
CA SER A 216 -25.44 4.13 11.04
C SER A 216 -25.90 4.40 9.62
N LYS A 217 -27.22 4.50 9.47
CA LYS A 217 -27.85 4.56 8.15
C LYS A 217 -27.22 5.58 7.17
N PRO A 218 -26.94 6.82 7.62
CA PRO A 218 -26.35 7.78 6.66
C PRO A 218 -24.99 7.37 6.08
N PHE A 219 -24.33 6.38 6.70
CA PHE A 219 -23.01 5.94 6.22
C PHE A 219 -23.06 4.66 5.38
N LEU A 220 -24.15 3.90 5.50
CA LEU A 220 -24.33 2.66 4.75
C LEU A 220 -24.40 2.91 3.25
N GLY A 221 -23.57 2.19 2.50
CA GLY A 221 -23.54 2.31 1.04
C GLY A 221 -22.83 3.55 0.53
N THR A 222 -22.05 4.21 1.37
CA THR A 222 -21.34 5.42 0.96
C THR A 222 -19.89 5.13 0.56
N SER A 223 -19.39 3.95 0.91
CA SER A 223 -18.00 3.57 0.65
C SER A 223 -17.84 2.68 -0.57
N GLN A 224 -16.74 2.88 -1.28
CA GLN A 224 -16.36 2.00 -2.38
C GLN A 224 -15.81 0.66 -1.89
N ARG A 225 -15.61 0.55 -0.58
CA ARG A 225 -15.07 -0.68 0.03
C ARG A 225 -16.14 -1.57 0.66
N GLY A 226 -17.40 -1.36 0.28
CA GLY A 226 -18.51 -2.12 0.86
C GLY A 226 -18.75 -1.78 2.32
N ARG A 227 -19.39 -2.70 3.05
CA ARG A 227 -19.78 -2.47 4.43
C ARG A 227 -18.61 -2.11 5.35
N TYR A 228 -17.46 -2.75 5.15
CA TYR A 228 -16.31 -2.45 5.99
C TYR A 228 -15.91 -0.97 5.86
N GLY A 229 -15.92 -0.48 4.61
CA GLY A 229 -15.55 0.89 4.31
C GLY A 229 -16.53 1.87 4.91
N ASP A 230 -17.81 1.48 4.91
CA ASP A 230 -18.88 2.24 5.53
C ASP A 230 -18.55 2.58 6.98
N ALA A 231 -18.14 1.56 7.74
CA ALA A 231 -17.78 1.72 9.15
C ALA A 231 -16.56 2.62 9.33
N VAL A 232 -15.57 2.42 8.45
CA VAL A 232 -14.35 3.22 8.45
C VAL A 232 -14.65 4.71 8.20
N ARG A 233 -15.52 5.00 7.23
CA ARG A 233 -15.94 6.37 6.96
C ARG A 233 -16.65 6.98 8.17
N GLU A 234 -17.50 6.19 8.83
CA GLU A 234 -18.22 6.66 10.02
C GLU A 234 -17.26 6.93 11.19
N ILE A 235 -16.30 6.04 11.40
CA ILE A 235 -15.29 6.21 12.46
C ILE A 235 -14.39 7.42 12.18
N ASP A 236 -14.01 7.60 10.90
CA ASP A 236 -13.19 8.71 10.46
C ASP A 236 -13.92 10.01 10.69
N ASP A 237 -15.17 10.08 10.23
CA ASP A 237 -16.04 11.25 10.49
C ASP A 237 -16.16 11.54 11.99
N SER A 238 -16.41 10.50 12.78
CA SER A 238 -16.51 10.64 14.23
C SER A 238 -15.22 11.22 14.83
N ILE A 239 -14.08 10.70 14.40
CA ILE A 239 -12.78 11.19 14.89
C ILE A 239 -12.57 12.65 14.52
N GLY A 240 -13.02 13.03 13.32
CA GLY A 240 -12.97 14.41 12.88
C GLY A 240 -13.70 15.32 13.85
N LYS A 241 -14.91 14.92 14.24
CA LYS A 241 -15.72 15.71 15.18
C LYS A 241 -15.12 15.76 16.59
N ILE A 242 -14.43 14.69 16.98
CA ILE A 242 -13.74 14.67 18.27
C ILE A 242 -12.61 15.71 18.26
N LEU A 243 -11.81 15.69 17.20
CA LEU A 243 -10.70 16.65 17.05
C LEU A 243 -11.19 18.10 16.96
N GLU A 244 -12.27 18.31 16.21
CA GLU A 244 -12.89 19.64 16.12
C GLU A 244 -13.38 20.17 17.47
N LEU A 245 -13.94 19.29 18.30
CA LEU A 245 -14.41 19.70 19.63
C LEU A 245 -13.25 20.21 20.49
N LEU A 246 -12.12 19.53 20.42
CA LEU A 246 -10.93 19.92 21.17
C LEU A 246 -10.40 21.30 20.77
N GLN A 247 -10.50 21.64 19.48
CA GLN A 247 -10.11 22.97 19.00
C GLN A 247 -11.14 24.05 19.35
N ASP A 248 -12.42 23.68 19.29
CA ASP A 248 -13.52 24.57 19.62
C ASP A 248 -13.55 24.95 21.10
N LEU A 249 -13.04 24.04 21.94
CA LEU A 249 -12.94 24.30 23.38
C LEU A 249 -11.56 24.84 23.76
N HIS A 250 -10.73 25.11 22.75
CA HIS A 250 -9.38 25.68 22.95
C HIS A 250 -8.55 24.88 23.94
N VAL A 251 -8.60 23.56 23.78
CA VAL A 251 -7.90 22.63 24.66
C VAL A 251 -6.99 21.69 23.83
N ALA A 252 -7.05 21.86 22.51
CA ALA A 252 -6.26 21.06 21.56
C ALA A 252 -4.77 21.05 21.84
N ASP A 253 -4.23 22.22 22.17
CA ASP A 253 -2.79 22.36 22.48
C ASP A 253 -2.40 21.80 23.84
N ASN A 254 -3.38 21.44 24.65
CA ASN A 254 -3.12 20.69 25.89
C ASN A 254 -3.75 19.31 25.86
N THR A 255 -3.96 18.77 24.67
CA THR A 255 -4.49 17.41 24.53
C THR A 255 -3.65 16.61 23.57
N PHE A 256 -3.13 15.50 24.07
CA PHE A 256 -2.36 14.56 23.26
C PHE A 256 -3.28 13.44 22.75
N VAL A 257 -3.36 13.30 21.44
CA VAL A 257 -4.23 12.28 20.84
CA VAL A 257 -4.24 12.31 20.80
C VAL A 257 -3.41 11.29 20.00
N PHE A 258 -3.64 10.01 20.26
CA PHE A 258 -2.96 8.95 19.52
C PHE A 258 -3.99 8.05 18.90
N PHE A 259 -3.82 7.79 17.61
CA PHE A 259 -4.66 6.85 16.87
C PHE A 259 -3.86 5.61 16.48
N THR A 260 -4.40 4.43 16.80
CA THR A 260 -3.80 3.16 16.37
C THR A 260 -4.86 2.05 16.34
N SER A 261 -4.43 0.81 16.05
CA SER A 261 -5.32 -0.35 15.97
C SER A 261 -4.75 -1.56 16.74
N ASP A 262 -5.62 -2.45 17.19
CA ASP A 262 -5.21 -3.50 18.14
C ASP A 262 -4.56 -4.73 17.51
N ASN A 263 -4.79 -4.93 16.22
CA ASN A 263 -4.17 -6.00 15.44
C ASN A 263 -4.43 -5.75 13.97
N GLY A 264 -3.95 -6.64 13.11
CA GLY A 264 -4.07 -6.45 11.67
C GLY A 264 -5.48 -6.68 11.17
N ALA A 265 -5.69 -6.43 9.88
CA ALA A 265 -7.00 -6.63 9.26
C ALA A 265 -7.38 -8.11 9.34
N ALA A 266 -8.64 -8.36 9.67
CA ALA A 266 -9.20 -9.70 9.73
C ALA A 266 -9.50 -10.19 8.32
N LEU A 267 -8.51 -10.80 7.69
CA LEU A 267 -8.62 -11.24 6.30
C LEU A 267 -9.60 -12.40 6.07
N ILE A 268 -9.96 -13.10 7.14
CA ILE A 268 -11.01 -14.11 7.00
C ILE A 268 -12.36 -13.48 6.67
N SER A 269 -12.50 -12.18 6.96
CA SER A 269 -13.74 -11.48 6.73
C SER A 269 -13.74 -10.62 5.46
N ALA A 270 -12.58 -10.49 4.81
CA ALA A 270 -12.47 -9.75 3.55
C ALA A 270 -13.20 -10.49 2.43
N PRO A 271 -13.67 -9.76 1.40
CA PRO A 271 -13.51 -8.33 1.10
C PRO A 271 -14.57 -7.37 1.67
N GLU A 272 -15.71 -7.90 2.08
CA GLU A 272 -16.85 -7.05 2.46
C GLU A 272 -16.83 -6.64 3.94
N GLN A 273 -16.20 -7.47 4.77
CA GLN A 273 -16.31 -7.32 6.23
C GLN A 273 -14.95 -7.20 6.91
N GLY A 274 -13.92 -6.87 6.14
CA GLY A 274 -12.57 -6.80 6.66
C GLY A 274 -11.69 -5.88 5.83
N GLY A 275 -10.59 -5.41 6.43
CA GLY A 275 -9.75 -4.40 5.82
C GLY A 275 -8.56 -4.86 5.02
N SER A 276 -7.62 -3.94 4.84
CA SER A 276 -6.41 -4.21 4.07
C SER A 276 -5.18 -4.03 4.95
N ASN A 277 -4.18 -4.86 4.71
CA ASN A 277 -2.88 -4.74 5.37
C ASN A 277 -1.82 -4.17 4.42
N GLY A 278 -2.28 -3.57 3.33
CA GLY A 278 -1.43 -2.85 2.40
C GLY A 278 -0.47 -3.77 1.69
N PRO A 279 0.84 -3.50 1.82
CA PRO A 279 1.85 -4.35 1.18
C PRO A 279 2.28 -5.56 2.03
N PHE A 280 1.69 -5.74 3.21
CA PHE A 280 2.20 -6.73 4.16
C PHE A 280 1.50 -8.08 4.07
N LEU A 281 2.26 -9.13 4.43
CA LEU A 281 1.81 -10.52 4.37
C LEU A 281 0.78 -10.91 5.43
N CYS A 282 -0.25 -11.63 4.98
CA CYS A 282 -1.29 -12.20 5.85
C CYS A 282 -2.04 -11.10 6.64
N GLY A 283 -2.45 -11.45 7.86
CA GLY A 283 -3.24 -10.54 8.69
C GLY A 283 -3.45 -11.05 10.09
N LYS A 284 -4.56 -10.64 10.69
CA LYS A 284 -4.95 -11.05 12.03
C LYS A 284 -4.73 -12.55 12.25
N GLN A 285 -4.32 -12.90 13.48
CA GLN A 285 -4.02 -14.27 13.94
C GLN A 285 -2.56 -14.72 13.71
N THR A 286 -1.83 -14.00 12.86
CA THR A 286 -0.44 -14.34 12.53
C THR A 286 0.56 -13.30 13.01
N THR A 287 1.81 -13.71 13.12
CA THR A 287 2.92 -12.80 13.46
C THR A 287 3.72 -12.36 12.22
N PHE A 288 3.12 -12.48 11.04
CA PHE A 288 3.66 -11.80 9.85
C PHE A 288 3.28 -10.33 9.95
N GLU A 289 3.93 -9.47 9.17
CA GLU A 289 3.73 -8.03 9.29
C GLU A 289 2.26 -7.60 9.21
N GLY A 290 1.50 -8.22 8.32
CA GLY A 290 0.08 -7.90 8.17
C GLY A 290 -0.76 -8.14 9.40
N GLY A 291 -0.27 -8.97 10.32
CA GLY A 291 -1.00 -9.29 11.53
C GLY A 291 -0.76 -8.39 12.72
N MET A 292 0.37 -7.68 12.73
CA MET A 292 0.76 -6.88 13.89
C MET A 292 1.27 -5.46 13.61
N ARG A 293 1.51 -5.13 12.34
CA ARG A 293 1.86 -3.75 11.97
C ARG A 293 0.60 -2.94 11.77
N GLU A 294 0.57 -1.74 12.36
CA GLU A 294 -0.66 -0.95 12.47
C GLU A 294 -0.46 0.49 12.03
N PRO A 295 -1.54 1.15 11.57
CA PRO A 295 -1.48 2.60 11.43
C PRO A 295 -1.28 3.24 12.81
N ALA A 296 -0.58 4.37 12.86
CA ALA A 296 -0.31 5.04 14.13
C ALA A 296 0.00 6.53 13.93
N LEU A 297 -0.91 7.36 14.42
CA LEU A 297 -0.80 8.82 14.28
C LEU A 297 -0.77 9.49 15.64
N ALA A 298 0.11 10.48 15.77
CA ALA A 298 0.16 11.30 16.98
C ALA A 298 -0.16 12.74 16.63
N TRP A 299 -0.93 13.39 17.51
CA TRP A 299 -1.46 14.72 17.25
C TRP A 299 -1.48 15.48 18.57
N TRP A 300 -0.77 16.60 18.60
CA TRP A 300 -0.68 17.45 19.77
C TRP A 300 -0.18 18.83 19.32
N PRO A 301 -1.11 19.70 18.86
CA PRO A 301 -0.78 21.00 18.25
C PRO A 301 0.07 21.89 19.15
N GLY A 302 1.07 22.53 18.55
CA GLY A 302 2.02 23.36 19.28
C GLY A 302 3.14 22.58 19.93
N HIS A 303 3.07 21.24 19.87
CA HIS A 303 4.05 20.38 20.53
C HIS A 303 4.64 19.33 19.57
N VAL A 304 3.79 18.50 18.99
CA VAL A 304 4.21 17.58 17.92
C VAL A 304 4.14 18.35 16.61
N THR A 305 5.29 18.50 15.96
CA THR A 305 5.40 19.27 14.71
C THR A 305 4.56 18.60 13.62
N ALA A 306 3.77 19.41 12.92
CA ALA A 306 2.81 18.94 11.93
C ALA A 306 3.45 18.34 10.69
N GLY A 307 2.83 17.28 10.17
CA GLY A 307 3.19 16.70 8.88
C GLY A 307 4.54 16.01 8.83
N GLN A 308 4.95 15.41 9.95
CA GLN A 308 6.21 14.69 10.00
C GLN A 308 6.01 13.16 9.97
N VAL A 309 7.09 12.46 9.67
CA VAL A 309 7.12 11.00 9.66
C VAL A 309 8.28 10.52 10.54
N SER A 310 8.02 9.50 11.36
CA SER A 310 9.08 8.88 12.17
C SER A 310 9.18 7.37 11.93
N HIS A 311 10.39 6.91 11.66
CA HIS A 311 10.65 5.48 11.47
C HIS A 311 11.00 4.74 12.77
N GLN A 312 10.79 5.40 13.90
CA GLN A 312 10.90 4.75 15.21
C GLN A 312 10.08 3.47 15.22
N LEU A 313 10.70 2.35 15.60
CA LEU A 313 9.95 1.12 15.83
C LEU A 313 9.09 1.32 17.06
N GLY A 314 7.78 1.38 16.84
CA GLY A 314 6.85 1.72 17.91
C GLY A 314 6.05 0.54 18.38
N SER A 315 5.57 0.61 19.62
CA SER A 315 4.72 -0.45 20.15
C SER A 315 3.48 0.14 20.82
N ILE A 316 2.37 -0.58 20.68
CA ILE A 316 1.14 -0.25 21.39
C ILE A 316 1.40 -0.10 22.89
N MET A 317 2.33 -0.91 23.42
CA MET A 317 2.74 -0.81 24.84
C MET A 317 3.42 0.52 25.19
N ASP A 318 3.99 1.20 24.19
CA ASP A 318 4.65 2.49 24.43
C ASP A 318 3.65 3.57 24.86
N LEU A 319 2.38 3.38 24.51
CA LEU A 319 1.33 4.31 24.87
C LEU A 319 1.14 4.37 26.38
N PHE A 320 1.38 3.23 27.06
CA PHE A 320 1.33 3.18 28.52
C PHE A 320 2.40 4.10 29.11
N THR A 321 3.65 3.88 28.70
CA THR A 321 4.79 4.57 29.30
C THR A 321 4.86 6.05 28.89
N THR A 322 4.47 6.33 27.65
CA THR A 322 4.40 7.69 27.12
C THR A 322 3.32 8.50 27.82
N SER A 323 2.15 7.90 28.00
CA SER A 323 1.05 8.54 28.72
C SER A 323 1.45 8.91 30.15
N LEU A 324 2.18 8.02 30.81
CA LEU A 324 2.66 8.31 32.16
C LEU A 324 3.66 9.47 32.15
N ALA A 325 4.54 9.48 31.15
CA ALA A 325 5.51 10.57 30.99
C ALA A 325 4.83 11.93 30.76
N LEU A 326 3.81 11.94 29.90
CA LEU A 326 3.01 13.14 29.66
C LEU A 326 2.34 13.63 30.95
N ALA A 327 1.96 12.67 31.80
CA ALA A 327 1.34 12.96 33.09
C ALA A 327 2.34 13.48 34.13
N GLY A 328 3.64 13.34 33.85
CA GLY A 328 4.69 13.69 34.82
C GLY A 328 4.92 12.56 35.82
N LEU A 329 4.55 11.35 35.41
CA LEU A 329 4.64 10.17 36.26
C LEU A 329 5.70 9.19 35.76
N THR A 330 6.06 8.25 36.62
CA THR A 330 7.04 7.21 36.29
C THR A 330 6.37 5.83 36.28
N PRO A 331 6.76 4.94 35.36
CA PRO A 331 6.19 3.60 35.30
C PRO A 331 6.54 2.77 36.53
N PRO A 332 5.82 1.67 36.78
CA PRO A 332 6.19 0.82 37.91
C PRO A 332 7.66 0.37 37.84
N SER A 333 8.33 0.34 38.99
CA SER A 333 9.75 0.07 39.07
C SER A 333 10.04 -1.32 39.65
N ASP A 334 8.98 -2.03 40.02
CA ASP A 334 9.10 -3.34 40.64
C ASP A 334 8.84 -4.47 39.65
N ARG A 335 8.80 -4.13 38.36
CA ARG A 335 8.41 -5.07 37.31
C ARG A 335 8.97 -4.65 35.95
N ALA A 336 9.03 -5.60 35.02
CA ALA A 336 9.46 -5.29 33.66
C ALA A 336 8.37 -4.45 32.99
N ILE A 337 8.80 -3.41 32.28
CA ILE A 337 7.92 -2.59 31.47
C ILE A 337 8.45 -2.61 30.04
N ASP A 338 7.66 -3.12 29.10
CA ASP A 338 8.09 -3.23 27.71
C ASP A 338 7.91 -1.92 26.96
N GLY A 339 6.86 -1.20 27.31
CA GLY A 339 6.56 0.08 26.68
C GLY A 339 7.62 1.10 26.97
N LEU A 340 8.04 1.81 25.93
CA LEU A 340 9.04 2.87 26.07
C LEU A 340 8.43 4.27 26.02
N ASN A 341 9.11 5.23 26.65
CA ASN A 341 8.73 6.64 26.59
C ASN A 341 9.04 7.21 25.21
N LEU A 342 8.00 7.55 24.45
CA LEU A 342 8.16 8.02 23.07
C LEU A 342 8.34 9.53 22.94
N LEU A 343 8.25 10.26 24.05
CA LEU A 343 8.32 11.72 24.03
C LEU A 343 9.54 12.30 23.30
N PRO A 344 10.74 11.72 23.49
CA PRO A 344 11.87 12.19 22.68
C PRO A 344 11.66 12.01 21.16
N THR A 345 11.03 10.91 20.77
CA THR A 345 10.66 10.69 19.37
C THR A 345 9.61 11.71 18.91
N LEU A 346 8.57 11.86 19.72
CA LEU A 346 7.43 12.74 19.42
C LEU A 346 7.75 14.23 19.39
N LEU A 347 8.59 14.71 20.32
CA LEU A 347 8.85 16.14 20.47
C LEU A 347 10.18 16.61 19.93
N GLN A 348 11.16 15.71 19.85
CA GLN A 348 12.52 16.08 19.42
C GLN A 348 13.00 15.32 18.18
N GLY A 349 12.22 14.35 17.72
CA GLY A 349 12.58 13.57 16.53
C GLY A 349 13.69 12.57 16.75
N ARG A 350 13.82 12.10 17.98
CA ARG A 350 14.85 11.13 18.36
C ARG A 350 14.46 9.70 17.95
N LEU A 351 15.46 8.83 17.87
CA LEU A 351 15.26 7.43 17.52
C LEU A 351 15.89 6.49 18.56
N MET A 352 15.14 5.46 18.94
CA MET A 352 15.60 4.48 19.92
C MET A 352 15.72 3.11 19.27
N ASP A 353 16.90 2.51 19.38
CA ASP A 353 17.16 1.16 18.87
C ASP A 353 16.53 0.13 19.82
N ARG A 354 15.30 -0.27 19.52
CA ARG A 354 14.57 -1.20 20.38
C ARG A 354 14.09 -2.42 19.61
N PRO A 355 13.89 -3.55 20.32
CA PRO A 355 13.34 -4.75 19.67
C PRO A 355 11.81 -4.74 19.63
N ILE A 356 11.24 -5.30 18.57
CA ILE A 356 9.81 -5.65 18.56
C ILE A 356 9.71 -7.17 18.56
N PHE A 357 9.22 -7.72 19.66
CA PHE A 357 9.00 -9.16 19.78
C PHE A 357 7.59 -9.48 19.35
N TYR A 358 7.44 -10.55 18.58
CA TYR A 358 6.13 -10.98 18.09
C TYR A 358 5.79 -12.33 18.73
N TYR A 359 4.89 -12.29 19.70
CA TYR A 359 4.41 -13.50 20.34
C TYR A 359 3.13 -14.03 19.71
N ARG A 360 2.99 -15.35 19.70
CA ARG A 360 1.72 -15.99 19.46
C ARG A 360 1.55 -16.99 20.60
N GLY A 361 0.55 -16.75 21.45
CA GLY A 361 0.41 -17.54 22.68
C GLY A 361 1.69 -17.54 23.51
N ASP A 362 2.15 -18.74 23.87
CA ASP A 362 3.32 -18.90 24.73
C ASP A 362 4.64 -18.84 23.98
N THR A 363 4.58 -18.55 22.67
CA THR A 363 5.75 -18.67 21.81
C THR A 363 6.19 -17.35 21.20
N LEU A 364 7.47 -17.02 21.38
CA LEU A 364 8.10 -15.90 20.70
C LEU A 364 8.37 -16.32 19.25
N MET A 365 7.49 -15.92 18.34
CA MET A 365 7.58 -16.35 16.95
C MET A 365 8.67 -15.61 16.18
N ALA A 366 8.74 -14.30 16.38
CA ALA A 366 9.64 -13.46 15.60
C ALA A 366 10.13 -12.25 16.40
N ALA A 367 11.20 -11.62 15.92
CA ALA A 367 11.71 -10.39 16.52
C ALA A 367 12.33 -9.49 15.46
N THR A 368 12.09 -8.18 15.60
CA THR A 368 12.64 -7.19 14.69
C THR A 368 13.59 -6.25 15.42
N LEU A 369 14.78 -6.08 14.84
CA LEU A 369 15.73 -5.03 15.22
C LEU A 369 16.17 -4.32 13.96
N GLY A 370 16.14 -2.99 14.00
CA GLY A 370 16.52 -2.18 12.84
C GLY A 370 15.63 -2.50 11.65
N GLN A 371 16.25 -2.95 10.56
CA GLN A 371 15.55 -3.30 9.32
C GLN A 371 15.24 -4.80 9.22
N HIS A 372 15.79 -5.60 10.14
CA HIS A 372 15.71 -7.06 10.03
C HIS A 372 14.68 -7.71 10.97
N LYS A 373 14.05 -8.77 10.47
CA LYS A 373 13.10 -9.57 11.24
C LYS A 373 13.47 -11.03 11.12
N ALA A 374 13.62 -11.70 12.27
CA ALA A 374 13.88 -13.13 12.29
C ALA A 374 12.66 -13.89 12.80
N HIS A 375 12.20 -14.84 12.01
CA HIS A 375 11.16 -15.77 12.44
C HIS A 375 11.81 -17.02 13.01
N PHE A 376 11.67 -17.20 14.32
CA PHE A 376 12.12 -18.40 14.99
C PHE A 376 11.06 -19.48 14.84
N TRP A 377 9.81 -19.08 14.73
CA TRP A 377 8.72 -19.99 14.40
C TRP A 377 7.83 -19.38 13.32
N THR A 378 7.27 -20.21 12.45
CA THR A 378 6.23 -19.76 11.53
C THR A 378 4.97 -20.63 11.63
N TRP A 379 3.82 -20.00 11.41
CA TRP A 379 2.55 -20.69 11.36
C TRP A 379 1.48 -19.72 10.86
N THR A 380 0.61 -20.20 9.99
CA THR A 380 -0.61 -19.48 9.64
C THR A 380 -1.73 -20.10 10.47
N ASN A 381 -2.34 -21.16 9.94
CA ASN A 381 -3.26 -22.03 10.70
C ASN A 381 -3.09 -23.48 10.24
N SER A 382 -3.63 -24.41 11.00
CA SER A 382 -3.55 -25.84 10.66
C SER A 382 -4.18 -26.16 9.29
N TRP A 383 -3.69 -27.24 8.67
CA TRP A 383 -4.26 -27.77 7.43
C TRP A 383 -5.75 -28.07 7.56
N GLU A 384 -6.16 -28.55 8.74
CA GLU A 384 -7.56 -28.88 9.02
C GLU A 384 -8.45 -27.64 8.92
N ASN A 385 -8.02 -26.56 9.56
CA ASN A 385 -8.73 -25.29 9.50
C ASN A 385 -8.73 -24.70 8.11
N PHE A 386 -7.59 -24.81 7.42
CA PHE A 386 -7.45 -24.27 6.07
C PHE A 386 -8.41 -24.95 5.09
N ARG A 387 -8.56 -26.27 5.21
CA ARG A 387 -9.45 -27.03 4.31
C ARG A 387 -10.92 -26.73 4.57
N GLN A 388 -11.24 -26.38 5.81
CA GLN A 388 -12.58 -25.91 6.18
C GLN A 388 -12.86 -24.48 5.70
N GLY A 389 -11.93 -23.92 4.92
CA GLY A 389 -12.13 -22.62 4.27
C GLY A 389 -11.57 -21.42 5.00
N ILE A 390 -10.94 -21.64 6.14
CA ILE A 390 -10.32 -20.57 6.93
C ILE A 390 -8.91 -20.26 6.40
N ASP A 391 -8.79 -19.10 5.76
CA ASP A 391 -7.53 -18.68 5.18
C ASP A 391 -7.14 -17.32 5.77
N PHE A 392 -6.05 -17.30 6.53
CA PHE A 392 -5.52 -16.06 7.11
C PHE A 392 -4.75 -15.22 6.09
N CYS A 393 -4.42 -15.81 4.95
CA CYS A 393 -3.58 -15.13 3.95
C CYS A 393 -4.15 -15.31 2.53
N PRO A 394 -5.42 -14.92 2.31
CA PRO A 394 -6.06 -15.16 1.01
C PRO A 394 -5.25 -14.56 -0.14
N GLY A 395 -5.03 -15.35 -1.19
CA GLY A 395 -4.29 -14.89 -2.37
C GLY A 395 -2.79 -14.88 -2.18
N GLN A 396 -2.32 -15.34 -1.03
CA GLN A 396 -0.91 -15.25 -0.68
C GLN A 396 -0.29 -16.61 -0.33
N ASN A 397 0.91 -16.86 -0.86
CA ASN A 397 1.67 -18.08 -0.58
C ASN A 397 3.17 -17.86 -0.79
N VAL A 398 3.92 -17.80 0.30
CA VAL A 398 5.37 -17.64 0.24
C VAL A 398 6.01 -18.96 0.64
N SER A 399 6.69 -19.59 -0.32
CA SER A 399 7.25 -20.93 -0.19
C SER A 399 8.12 -21.10 1.06
N GLY A 400 7.70 -21.99 1.94
CA GLY A 400 8.45 -22.30 3.16
C GLY A 400 8.36 -21.24 4.23
N VAL A 401 7.46 -20.28 4.05
CA VAL A 401 7.28 -19.16 4.99
C VAL A 401 5.84 -19.16 5.54
N THR A 402 4.86 -19.13 4.64
CA THR A 402 3.46 -19.26 5.00
C THR A 402 3.10 -20.76 5.02
N THR A 403 3.26 -21.37 6.18
CA THR A 403 3.07 -22.83 6.34
C THR A 403 1.86 -23.16 7.22
N HIS A 404 1.26 -24.32 6.97
CA HIS A 404 0.10 -24.77 7.76
C HIS A 404 0.50 -25.67 8.92
N ASN A 405 1.79 -25.90 9.06
CA ASN A 405 2.34 -26.58 10.22
C ASN A 405 3.14 -25.59 11.05
N LEU A 406 3.06 -25.70 12.36
CA LEU A 406 3.88 -24.90 13.26
C LEU A 406 5.35 -25.26 13.05
N GLU A 407 6.09 -24.38 12.39
CA GLU A 407 7.44 -24.70 11.93
C GLU A 407 8.51 -24.15 12.85
N ASP A 408 9.40 -25.04 13.29
CA ASP A 408 10.48 -24.70 14.22
C ASP A 408 11.72 -24.26 13.46
N HIS A 409 11.99 -22.96 13.44
CA HIS A 409 13.19 -22.43 12.80
C HIS A 409 14.20 -21.90 13.82
N THR A 410 14.10 -22.36 15.08
CA THR A 410 14.98 -21.87 16.15
C THR A 410 16.47 -22.05 15.86
N LYS A 411 16.82 -23.13 15.15
CA LYS A 411 18.21 -23.38 14.73
C LYS A 411 18.65 -22.46 13.60
N LEU A 412 17.79 -22.27 12.61
CA LEU A 412 18.08 -21.39 11.47
C LEU A 412 16.89 -20.47 11.18
N PRO A 413 16.80 -19.34 11.91
CA PRO A 413 15.72 -18.38 11.75
C PRO A 413 15.60 -17.86 10.32
N LEU A 414 14.36 -17.77 9.84
CA LEU A 414 14.07 -17.13 8.57
C LEU A 414 14.16 -15.62 8.78
N ILE A 415 15.11 -14.98 8.11
CA ILE A 415 15.35 -13.54 8.29
C ILE A 415 14.99 -12.72 7.05
N PHE A 416 14.24 -11.65 7.27
CA PHE A 416 13.85 -10.73 6.19
C PHE A 416 14.39 -9.34 6.45
N HIS A 417 14.75 -8.65 5.36
CA HIS A 417 15.04 -7.23 5.42
C HIS A 417 13.77 -6.47 5.04
N LEU A 418 13.15 -5.85 6.04
CA LEU A 418 11.80 -5.28 5.87
C LEU A 418 11.77 -4.08 4.93
N GLY A 419 12.85 -3.31 4.90
CA GLY A 419 12.97 -2.17 3.99
C GLY A 419 12.95 -2.59 2.54
N ARG A 420 13.69 -3.65 2.22
CA ARG A 420 13.78 -4.15 0.85
C ARG A 420 12.62 -5.07 0.48
N ASP A 421 12.03 -5.70 1.49
CA ASP A 421 11.07 -6.81 1.31
C ASP A 421 9.96 -6.72 2.36
N PRO A 422 9.10 -5.67 2.28
CA PRO A 422 8.02 -5.51 3.27
C PRO A 422 7.08 -6.72 3.32
N GLY A 423 6.85 -7.36 2.19
CA GLY A 423 5.92 -8.48 2.09
C GLY A 423 6.49 -9.83 2.51
N GLU A 424 7.67 -9.84 3.12
CA GLU A 424 8.30 -11.05 3.64
C GLU A 424 8.28 -12.19 2.60
N ARG A 425 8.74 -11.87 1.40
CA ARG A 425 8.69 -12.80 0.26
C ARG A 425 10.02 -13.48 -0.01
N PHE A 426 11.11 -12.87 0.45
CA PHE A 426 12.45 -13.31 0.07
C PHE A 426 13.37 -13.45 1.28
N PRO A 427 13.35 -14.63 1.94
CA PRO A 427 14.25 -14.86 3.07
C PRO A 427 15.70 -14.70 2.66
N LEU A 428 16.50 -14.08 3.53
CA LEU A 428 17.93 -13.91 3.33
C LEU A 428 18.62 -15.27 3.24
N SER A 429 19.65 -15.34 2.40
CA SER A 429 20.49 -16.53 2.31
C SER A 429 21.18 -16.77 3.64
N PHE A 430 21.17 -18.03 4.09
CA PHE A 430 21.76 -18.41 5.38
C PHE A 430 23.27 -18.19 5.43
N ALA A 431 23.93 -18.20 4.27
CA ALA A 431 25.39 -18.12 4.18
C ALA A 431 25.94 -16.69 4.14
N SER A 432 25.06 -15.72 3.90
CA SER A 432 25.48 -14.33 3.68
C SER A 432 25.95 -13.64 4.96
N ALA A 433 26.82 -12.63 4.78
CA ALA A 433 27.33 -11.85 5.91
C ALA A 433 26.21 -11.04 6.58
N GLU A 434 25.25 -10.59 5.79
CA GLU A 434 24.11 -9.83 6.29
C GLU A 434 23.26 -10.67 7.25
N TYR A 435 23.04 -11.94 6.88
CA TYR A 435 22.29 -12.87 7.72
C TYR A 435 22.99 -13.07 9.07
N GLN A 436 24.29 -13.39 9.01
CA GLN A 436 25.11 -13.65 10.20
C GLN A 436 25.09 -12.47 11.17
N GLU A 437 25.23 -11.26 10.64
CA GLU A 437 25.15 -10.03 11.43
C GLU A 437 23.77 -9.88 12.08
N ALA A 438 22.72 -10.02 11.27
CA ALA A 438 21.34 -9.93 11.77
C ALA A 438 21.04 -11.02 12.82
N LEU A 439 21.48 -12.25 12.52
CA LEU A 439 21.25 -13.38 13.41
C LEU A 439 21.88 -13.16 14.78
N SER A 440 23.11 -12.66 14.82
CA SER A 440 23.79 -12.43 16.10
C SER A 440 23.19 -11.26 16.85
N ARG A 441 22.77 -10.22 16.12
CA ARG A 441 22.21 -9.02 16.73
C ARG A 441 20.84 -9.29 17.35
N ILE A 442 19.98 -9.98 16.61
CA ILE A 442 18.63 -10.29 17.07
C ILE A 442 18.62 -11.37 18.17
N THR A 443 19.35 -12.47 17.96
CA THR A 443 19.40 -13.56 18.95
C THR A 443 19.95 -13.11 20.31
N SER A 444 20.92 -12.20 20.28
CA SER A 444 21.45 -11.60 21.51
C SER A 444 20.35 -10.91 22.31
N VAL A 445 19.56 -10.09 21.63
CA VAL A 445 18.49 -9.31 22.27
C VAL A 445 17.32 -10.21 22.71
N VAL A 446 17.01 -11.23 21.90
CA VAL A 446 15.99 -12.22 22.25
C VAL A 446 16.38 -13.02 23.52
N GLN A 447 17.60 -13.53 23.57
CA GLN A 447 18.00 -14.35 24.71
C GLN A 447 18.15 -13.54 26.01
N GLN A 448 18.50 -12.26 25.89
CA GLN A 448 18.48 -11.32 27.02
C GLN A 448 17.05 -11.13 27.56
N HIS A 449 16.10 -11.03 26.63
CA HIS A 449 14.68 -10.91 26.95
C HIS A 449 14.17 -12.15 27.67
N GLN A 450 14.50 -13.33 27.13
CA GLN A 450 14.05 -14.59 27.67
C GLN A 450 14.70 -14.93 29.03
N GLU A 451 15.99 -14.63 29.18
CA GLU A 451 16.69 -14.89 30.44
C GLU A 451 16.17 -14.05 31.61
N ALA A 452 15.67 -12.86 31.30
CA ALA A 452 15.09 -11.96 32.31
C ALA A 452 13.59 -12.20 32.50
N LEU A 453 13.01 -13.09 31.70
CA LEU A 453 11.57 -13.33 31.72
C LEU A 453 11.16 -14.49 32.61
N VAL A 454 10.30 -14.20 33.57
CA VAL A 454 9.58 -15.22 34.33
C VAL A 454 8.11 -15.06 33.98
N PRO A 455 7.60 -15.92 33.07
CA PRO A 455 6.24 -15.73 32.55
C PRO A 455 5.19 -15.74 33.65
N ALA A 456 4.18 -14.89 33.50
CA ALA A 456 3.02 -14.89 34.38
C ALA A 456 2.22 -16.15 34.15
N GLN A 457 1.44 -16.55 35.15
CA GLN A 457 0.52 -17.67 34.98
C GLN A 457 -0.54 -17.28 33.94
N PRO A 458 -0.88 -18.22 33.04
CA PRO A 458 -1.78 -17.91 31.94
C PRO A 458 -3.23 -17.77 32.43
N GLN A 459 -3.91 -16.71 31.97
CA GLN A 459 -5.28 -16.42 32.36
C GLN A 459 -6.30 -17.03 31.42
N LEU A 460 -5.85 -17.51 30.26
CA LEU A 460 -6.76 -17.92 29.19
C LEU A 460 -6.78 -19.44 28.93
N ASN A 461 -6.63 -20.23 30.00
CA ASN A 461 -6.68 -21.69 29.88
C ASN A 461 -8.05 -22.27 30.16
N VAL A 462 -8.83 -21.56 30.97
CA VAL A 462 -10.02 -22.14 31.58
C VAL A 462 -11.30 -21.43 31.15
N CYS A 463 -12.28 -22.24 30.76
CA CYS A 463 -13.58 -21.77 30.35
C CYS A 463 -14.67 -22.43 31.21
N ASN A 464 -15.80 -21.73 31.39
CA ASN A 464 -16.93 -22.24 32.15
C ASN A 464 -18.25 -21.70 31.60
N TRP A 465 -19.10 -22.61 31.12
CA TRP A 465 -20.39 -22.28 30.53
C TRP A 465 -21.22 -21.36 31.46
N ALA A 466 -21.17 -21.65 32.75
CA ALA A 466 -21.92 -20.92 33.77
C ALA A 466 -21.48 -19.47 34.00
N VAL A 467 -20.24 -19.10 33.62
CA VAL A 467 -19.75 -17.73 33.84
C VAL A 467 -20.10 -16.73 32.74
N MET A 468 -20.79 -17.19 31.70
CA MET A 468 -21.23 -16.29 30.63
C MET A 468 -22.18 -15.24 31.20
N ASN A 469 -22.44 -14.18 30.42
CA ASN A 469 -23.24 -13.04 30.88
C ASN A 469 -24.73 -13.33 31.06
N TRP A 470 -25.04 -14.36 31.85
CA TRP A 470 -26.43 -14.76 32.08
C TRP A 470 -27.17 -13.70 32.88
N ALA A 471 -26.52 -13.18 33.91
CA ALA A 471 -27.16 -12.27 34.85
C ALA A 471 -26.22 -11.14 35.29
N PRO A 472 -25.84 -10.25 34.35
CA PRO A 472 -24.94 -9.14 34.68
C PRO A 472 -25.58 -8.19 35.69
N PRO A 473 -24.77 -7.53 36.53
CA PRO A 473 -25.37 -6.58 37.48
C PRO A 473 -26.24 -5.55 36.75
N GLY A 474 -27.44 -5.30 37.28
CA GLY A 474 -28.39 -4.40 36.65
C GLY A 474 -29.45 -5.14 35.85
N CYS A 475 -29.31 -6.46 35.71
CA CYS A 475 -30.30 -7.27 34.99
C CYS A 475 -31.63 -7.33 35.72
N GLU A 476 -31.57 -7.39 37.06
CA GLU A 476 -32.75 -7.56 37.91
C GLU A 476 -33.81 -6.47 37.71
N LYS A 477 -33.41 -5.21 37.88
CA LYS A 477 -34.30 -4.06 37.68
C LYS A 477 -34.85 -3.96 36.27
N LEU A 478 -34.04 -4.35 35.28
CA LEU A 478 -34.46 -4.33 33.88
C LEU A 478 -35.30 -5.56 33.51
N GLY A 479 -35.38 -6.53 34.43
CA GLY A 479 -36.04 -7.81 34.18
C GLY A 479 -35.35 -8.63 33.09
N LYS A 480 -34.02 -8.64 33.10
CA LYS A 480 -33.26 -9.25 32.01
C LYS A 480 -32.28 -10.36 32.46
N CYS A 481 -32.41 -10.82 33.69
CA CYS A 481 -31.56 -11.90 34.19
C CYS A 481 -32.00 -13.22 33.58
N LEU A 482 -31.02 -14.03 33.18
CA LEU A 482 -31.28 -15.33 32.58
C LEU A 482 -30.69 -16.41 33.46
N THR A 483 -31.35 -17.56 33.51
CA THR A 483 -30.89 -18.67 34.35
C THR A 483 -29.69 -19.35 33.70
N PRO A 484 -28.57 -19.44 34.44
CA PRO A 484 -27.37 -20.09 33.93
C PRO A 484 -27.56 -21.60 33.88
N PRO A 485 -26.80 -22.30 33.03
CA PRO A 485 -26.86 -23.75 33.01
C PRO A 485 -25.96 -24.34 34.10
N GLU A 486 -26.06 -25.64 34.32
CA GLU A 486 -25.14 -26.34 35.20
C GLU A 486 -23.90 -26.73 34.40
N SER A 487 -22.71 -26.38 34.94
CA SER A 487 -21.45 -26.76 34.30
C SER A 487 -20.28 -26.76 35.28
N ILE A 488 -19.15 -27.30 34.82
CA ILE A 488 -17.89 -27.23 35.56
C ILE A 488 -16.87 -26.45 34.75
N PRO A 489 -15.86 -25.88 35.42
CA PRO A 489 -14.75 -25.29 34.66
C PRO A 489 -14.02 -26.39 33.89
N LYS A 490 -13.58 -26.08 32.68
CA LYS A 490 -12.78 -27.01 31.89
C LYS A 490 -11.86 -26.25 30.93
N LYS A 491 -10.86 -26.94 30.40
CA LYS A 491 -9.91 -26.36 29.47
C LYS A 491 -10.63 -25.76 28.27
N CYS A 492 -10.28 -24.52 27.91
CA CYS A 492 -10.82 -23.88 26.71
C CYS A 492 -10.29 -24.60 25.46
N LEU A 493 -11.14 -24.71 24.45
CA LEU A 493 -10.73 -25.30 23.17
C LEU A 493 -10.40 -24.18 22.19
N TRP A 494 -9.11 -23.99 21.94
CA TRP A 494 -8.64 -22.84 21.17
C TRP A 494 -8.51 -23.07 19.66
N SER A 495 -8.82 -22.00 18.92
CA SER A 495 -8.65 -21.90 17.45
C SER A 495 -9.74 -22.54 16.58
N HIS A 496 -10.47 -23.52 17.14
CA HIS A 496 -11.47 -24.26 16.39
C HIS A 496 -12.73 -23.42 16.11
N GLN B 3 1.67 32.93 -25.76
CA GLN B 3 2.55 31.75 -25.50
C GLN B 3 1.81 30.65 -24.73
N PRO B 4 1.59 29.50 -25.38
CA PRO B 4 0.99 28.34 -24.72
C PRO B 4 1.91 27.80 -23.60
N PRO B 5 1.34 27.12 -22.60
CA PRO B 5 2.17 26.72 -21.47
C PRO B 5 3.17 25.62 -21.84
N ASN B 6 4.25 25.56 -21.07
CA ASN B 6 5.26 24.54 -21.22
C ASN B 6 4.71 23.19 -20.74
N ILE B 7 5.17 22.12 -21.37
CA ILE B 7 4.72 20.78 -21.04
C ILE B 7 5.93 19.94 -20.64
N LEU B 8 5.87 19.41 -19.42
CA LEU B 8 6.93 18.55 -18.91
C LEU B 8 6.36 17.19 -18.50
N LEU B 9 6.73 16.15 -19.25
CA LEU B 9 6.28 14.79 -18.95
C LEU B 9 7.42 14.00 -18.38
N LEU B 10 7.26 13.59 -17.12
CA LEU B 10 8.26 12.79 -16.42
C LEU B 10 7.78 11.34 -16.44
N LEU B 11 8.43 10.52 -17.26
CA LEU B 11 8.02 9.12 -17.40
C LEU B 11 9.07 8.15 -16.86
N MET B 12 8.67 7.40 -15.84
CA MET B 12 9.53 6.42 -15.20
C MET B 12 9.53 5.09 -15.93
N ASP B 13 10.57 4.30 -15.68
CA ASP B 13 10.71 2.98 -16.25
C ASP B 13 10.58 1.96 -15.11
N ASP B 14 9.52 1.15 -15.16
CA ASP B 14 9.29 0.05 -14.20
C ASP B 14 9.07 0.48 -12.76
N MET B 15 8.59 1.70 -12.56
CA MET B 15 8.18 2.13 -11.23
C MET B 15 6.72 1.75 -10.97
N GLY B 16 6.47 1.14 -9.81
CA GLY B 16 5.15 0.63 -9.47
C GLY B 16 4.29 1.59 -8.66
N TRP B 17 3.03 1.20 -8.47
CA TRP B 17 2.07 1.97 -7.71
C TRP B 17 2.49 2.15 -6.24
N GLY B 18 3.26 1.21 -5.71
CA GLY B 18 3.69 1.26 -4.30
C GLY B 18 5.06 1.88 -4.07
N ASP B 19 5.61 2.56 -5.07
CA ASP B 19 6.97 3.07 -5.01
C ASP B 19 7.15 4.46 -4.40
N LEU B 20 6.09 5.27 -4.37
CA LEU B 20 6.16 6.61 -3.78
C LEU B 20 5.69 6.60 -2.34
N GLY B 21 6.34 7.42 -1.51
CA GLY B 21 5.94 7.59 -0.13
C GLY B 21 4.47 7.95 0.01
N VAL B 22 4.02 8.91 -0.80
CA VAL B 22 2.64 9.38 -0.78
C VAL B 22 1.66 8.31 -1.24
N TYR B 23 2.15 7.33 -2.01
CA TYR B 23 1.35 6.17 -2.40
C TYR B 23 1.37 5.04 -1.38
N GLY B 24 2.15 5.21 -0.30
CA GLY B 24 2.18 4.24 0.79
C GLY B 24 3.47 3.43 0.99
N GLU B 25 4.52 3.73 0.23
CA GLU B 25 5.82 3.07 0.44
C GLU B 25 6.29 3.34 1.89
N PRO B 26 6.52 2.26 2.67
CA PRO B 26 6.80 2.37 4.12
C PRO B 26 8.04 3.18 4.48
N SER B 27 9.06 3.15 3.63
CA SER B 27 10.31 3.86 3.91
C SER B 27 10.22 5.38 3.70
N ARG B 28 9.15 5.82 3.03
CA ARG B 28 8.90 7.26 2.79
C ARG B 28 10.17 7.98 2.29
N GLU B 29 10.65 7.56 1.12
CA GLU B 29 11.93 8.03 0.59
C GLU B 29 11.80 8.89 -0.69
N THR B 30 10.59 9.37 -0.95
CA THR B 30 10.36 10.23 -2.11
C THR B 30 9.78 11.59 -1.70
N PRO B 31 10.56 12.38 -0.93
CA PRO B 31 10.01 13.63 -0.39
C PRO B 31 9.67 14.68 -1.46
N ASN B 32 10.42 14.69 -2.56
CA ASN B 32 10.20 15.67 -3.62
C ASN B 32 8.93 15.37 -4.42
N LEU B 33 8.71 14.09 -4.70
CA LEU B 33 7.49 13.66 -5.37
C LEU B 33 6.27 13.79 -4.48
N ASP B 34 6.45 13.56 -3.17
CA ASP B 34 5.40 13.74 -2.19
C ASP B 34 5.00 15.21 -2.09
N ARG B 35 6.00 16.10 -2.15
CA ARG B 35 5.77 17.54 -2.21
C ARG B 35 5.05 17.94 -3.49
N MET B 36 5.41 17.32 -4.61
CA MET B 36 4.72 17.54 -5.89
C MET B 36 3.23 17.19 -5.76
N ALA B 37 2.95 16.07 -5.10
CA ALA B 37 1.58 15.65 -4.84
C ALA B 37 0.84 16.67 -3.97
N ALA B 38 1.49 17.12 -2.90
CA ALA B 38 0.92 18.09 -1.97
C ALA B 38 0.64 19.44 -2.64
N GLU B 39 1.41 19.76 -3.68
CA GLU B 39 1.24 20.99 -4.44
C GLU B 39 0.38 20.83 -5.70
N GLY B 40 -0.10 19.61 -5.95
CA GLY B 40 -0.90 19.31 -7.14
C GLY B 40 -2.02 18.31 -6.96
N LEU B 41 -2.14 17.39 -7.93
CA LEU B 41 -3.24 16.42 -7.98
C LEU B 41 -2.71 15.00 -8.09
N LEU B 42 -3.28 14.10 -7.27
CA LEU B 42 -2.89 12.70 -7.28
C LEU B 42 -3.98 11.80 -7.87
N PHE B 43 -3.57 10.86 -8.72
CA PHE B 43 -4.47 9.87 -9.31
C PHE B 43 -4.22 8.47 -8.73
N PRO B 44 -5.18 7.95 -7.94
CA PRO B 44 -5.04 6.58 -7.44
C PRO B 44 -5.53 5.52 -8.42
N ASN B 45 -6.17 5.95 -9.51
CA ASN B 45 -6.74 5.03 -10.48
C ASN B 45 -6.28 5.36 -11.90
N PHE B 46 -4.96 5.39 -12.08
CA PHE B 46 -4.33 5.74 -13.36
C PHE B 46 -3.62 4.53 -13.93
N TYR B 47 -3.66 4.38 -15.25
CA TYR B 47 -3.17 3.16 -15.91
C TYR B 47 -2.25 3.43 -17.09
N SER B 48 -1.31 2.53 -17.31
CA SER B 48 -0.54 2.53 -18.53
C SER B 48 -1.30 1.76 -19.62
N ALA B 49 -0.74 1.68 -20.82
CA ALA B 49 -1.46 1.11 -21.95
C ALA B 49 -1.03 -0.31 -22.32
N ASN B 50 -0.07 -0.85 -21.57
CA ASN B 50 0.45 -2.18 -21.83
C ASN B 50 1.28 -2.67 -20.65
N PRO B 51 1.53 -3.98 -20.56
CA PRO B 51 2.29 -4.48 -19.41
C PRO B 51 3.82 -4.30 -19.49
N LEU B 52 4.33 -3.69 -20.56
CA LEU B 52 5.77 -3.44 -20.71
C LEU B 52 6.10 -2.12 -21.44
N SER B 54 7.93 -0.55 -24.51
CA SER B 54 7.76 0.04 -25.85
C SER B 54 6.32 0.35 -26.26
N PRO B 55 5.40 -0.63 -26.14
CA PRO B 55 4.01 -0.34 -26.52
C PRO B 55 3.39 0.82 -25.74
N SER B 56 3.72 0.89 -24.45
CA SER B 56 3.22 1.94 -23.56
C SER B 56 3.76 3.32 -23.93
N ARG B 57 5.03 3.37 -24.31
CA ARG B 57 5.66 4.60 -24.77
C ARG B 57 5.09 5.03 -26.12
N ALA B 58 4.89 4.07 -27.03
CA ALA B 58 4.24 4.36 -28.31
C ALA B 58 2.83 4.91 -28.06
N ALA B 59 2.13 4.29 -27.10
CA ALA B 59 0.77 4.69 -26.74
C ALA B 59 0.69 6.12 -26.18
N LEU B 60 1.67 6.47 -25.34
CA LEU B 60 1.77 7.85 -24.80
C LEU B 60 1.90 8.87 -25.91
N LEU B 61 2.86 8.65 -26.80
CA LEU B 61 3.22 9.63 -27.83
C LEU B 61 2.25 9.69 -29.01
N THR B 62 1.37 8.68 -29.14
CA THR B 62 0.37 8.64 -30.22
C THR B 62 -1.06 8.87 -29.70
N GLY B 63 -1.25 8.69 -28.39
CA GLY B 63 -2.57 8.71 -27.78
C GLY B 63 -3.44 7.54 -28.22
N ARG B 64 -2.78 6.48 -28.68
CA ARG B 64 -3.44 5.35 -29.32
C ARG B 64 -2.92 4.02 -28.78
N LEU B 65 -3.82 3.05 -28.61
CA LEU B 65 -3.47 1.73 -28.11
C LEU B 65 -2.44 1.04 -29.02
N PRO B 66 -1.55 0.21 -28.43
CA PRO B 66 -0.58 -0.55 -29.25
C PRO B 66 -1.22 -1.31 -30.41
N ILE B 67 -2.43 -1.83 -30.21
CA ILE B 67 -3.19 -2.51 -31.28
C ILE B 67 -3.46 -1.57 -32.48
N ARG B 68 -3.50 -0.26 -32.23
CA ARG B 68 -3.70 0.75 -33.29
C ARG B 68 -2.39 1.29 -33.86
N ASN B 69 -1.40 1.50 -33.00
CA ASN B 69 -0.13 2.09 -33.45
C ASN B 69 0.91 1.07 -33.95
N GLY B 70 0.58 -0.22 -33.87
CA GLY B 70 1.43 -1.28 -34.41
C GLY B 70 2.40 -1.94 -33.44
N PHE B 71 2.45 -1.46 -32.21
CA PHE B 71 3.40 -1.96 -31.21
C PHE B 71 2.91 -3.22 -30.50
N TYR B 72 2.75 -4.28 -31.28
CA TYR B 72 2.37 -5.59 -30.77
C TYR B 72 2.85 -6.67 -31.74
N THR B 73 2.80 -7.92 -31.29
CA THR B 73 3.15 -9.07 -32.14
C THR B 73 1.96 -10.00 -32.35
N THR B 74 1.96 -10.69 -33.49
CA THR B 74 0.97 -11.73 -33.80
C THR B 74 1.62 -13.11 -33.93
N ASN B 75 2.90 -13.20 -33.55
CA ASN B 75 3.64 -14.46 -33.62
C ASN B 75 2.99 -15.57 -32.81
N ALA B 76 2.38 -15.16 -31.70
CA ALA B 76 1.46 -16.02 -30.95
C ALA B 76 0.49 -15.11 -30.22
N HIS B 77 -0.57 -15.69 -29.64
CA HIS B 77 -1.59 -14.88 -28.99
C HIS B 77 -1.17 -14.40 -27.60
N ALA B 78 -1.62 -13.19 -27.25
CA ALA B 78 -1.41 -12.60 -25.92
C ALA B 78 0.05 -12.58 -25.48
N ARG B 79 0.95 -12.26 -26.42
CA ARG B 79 2.39 -12.24 -26.14
C ARG B 79 2.93 -10.82 -26.02
N ASN B 80 3.66 -10.59 -24.95
CA ASN B 80 4.38 -9.34 -24.76
C ASN B 80 5.53 -9.21 -25.76
N ALA B 81 5.57 -8.08 -26.44
CA ALA B 81 6.65 -7.75 -27.36
C ALA B 81 7.10 -6.31 -27.14
N TYR B 82 8.35 -6.03 -27.50
CA TYR B 82 8.90 -4.68 -27.39
C TYR B 82 9.88 -4.44 -28.52
N THR B 83 10.74 -3.43 -28.36
CA THR B 83 11.76 -3.11 -29.35
C THR B 83 13.17 -3.38 -28.85
N PRO B 84 13.61 -4.66 -28.89
CA PRO B 84 15.01 -4.96 -28.63
C PRO B 84 15.85 -4.58 -29.84
N GLN B 85 17.18 -4.67 -29.70
CA GLN B 85 18.16 -4.28 -30.72
C GLN B 85 17.97 -4.93 -32.08
N GLU B 86 17.43 -6.14 -32.08
CA GLU B 86 17.30 -6.90 -33.32
C GLU B 86 15.99 -6.65 -34.05
N ILE B 87 15.16 -5.77 -33.51
CA ILE B 87 13.81 -5.54 -34.07
C ILE B 87 13.93 -4.83 -35.42
N VAL B 88 13.11 -5.26 -36.38
CA VAL B 88 13.16 -4.72 -37.73
C VAL B 88 12.25 -3.49 -37.87
N GLY B 89 11.08 -3.55 -37.23
CA GLY B 89 10.11 -2.48 -37.28
C GLY B 89 10.29 -1.42 -36.21
N GLY B 90 9.28 -0.58 -36.06
CA GLY B 90 9.30 0.54 -35.13
C GLY B 90 8.15 1.44 -35.48
N ILE B 91 8.14 2.65 -34.91
CA ILE B 91 7.03 3.58 -35.11
C ILE B 91 6.84 3.94 -36.60
N PRO B 92 5.67 3.61 -37.17
CA PRO B 92 5.50 3.91 -38.60
C PRO B 92 5.35 5.42 -38.87
N ASP B 93 5.74 5.83 -40.08
CA ASP B 93 5.57 7.19 -40.57
C ASP B 93 4.10 7.66 -40.51
N SER B 94 3.18 6.72 -40.60
CA SER B 94 1.74 7.03 -40.59
C SER B 94 1.21 7.49 -39.23
N GLU B 95 1.95 7.21 -38.15
CA GLU B 95 1.54 7.68 -36.82
C GLU B 95 1.97 9.13 -36.62
N GLN B 96 1.12 9.90 -35.96
CA GLN B 96 1.43 11.29 -35.65
C GLN B 96 1.78 11.39 -34.18
N LEU B 97 3.02 11.78 -33.90
CA LEU B 97 3.50 11.87 -32.52
C LEU B 97 3.24 13.25 -31.94
N LEU B 98 3.07 13.28 -30.62
CA LEU B 98 2.81 14.50 -29.87
C LEU B 98 3.72 15.68 -30.26
N PRO B 99 5.05 15.50 -30.20
CA PRO B 99 5.92 16.63 -30.51
C PRO B 99 5.82 17.10 -31.97
N GLU B 100 5.48 16.18 -32.88
CA GLU B 100 5.22 16.55 -34.28
C GLU B 100 4.06 17.54 -34.35
N LEU B 101 3.00 17.24 -33.60
CA LEU B 101 1.78 18.04 -33.62
C LEU B 101 1.90 19.34 -32.82
N LEU B 102 2.72 19.33 -31.77
CA LEU B 102 2.96 20.53 -30.96
C LEU B 102 3.73 21.61 -31.72
N LYS B 103 4.50 21.19 -32.73
CA LYS B 103 5.36 22.08 -33.50
C LYS B 103 4.58 23.26 -34.08
N LYS B 104 3.39 22.96 -34.59
CA LYS B 104 2.38 23.92 -35.05
C LYS B 104 2.23 25.13 -34.12
N ALA B 105 2.27 24.87 -32.81
CA ALA B 105 1.98 25.88 -31.79
C ALA B 105 3.23 26.60 -31.28
N GLY B 106 4.38 26.31 -31.86
CA GLY B 106 5.61 27.03 -31.53
C GLY B 106 6.50 26.34 -30.51
N TYR B 107 6.15 25.10 -30.18
CA TYR B 107 6.91 24.33 -29.20
C TYR B 107 8.27 23.91 -29.75
N VAL B 108 9.24 23.84 -28.85
CA VAL B 108 10.53 23.20 -29.10
C VAL B 108 10.55 21.98 -28.18
N SER B 109 10.85 20.81 -28.75
CA SER B 109 10.72 19.56 -28.00
C SER B 109 12.04 18.81 -27.85
N LYS B 110 12.23 18.23 -26.67
CA LYS B 110 13.41 17.43 -26.37
C LYS B 110 13.02 16.13 -25.68
N ILE B 111 13.61 15.03 -26.12
CA ILE B 111 13.55 13.78 -25.38
C ILE B 111 14.87 13.63 -24.64
N VAL B 112 14.77 13.33 -23.35
CA VAL B 112 15.91 12.95 -22.55
C VAL B 112 15.68 11.53 -22.06
N GLY B 113 16.59 10.63 -22.41
CA GLY B 113 16.53 9.26 -21.93
C GLY B 113 16.09 8.26 -22.98
N LYS B 114 15.29 7.28 -22.55
CA LYS B 114 14.97 6.11 -23.38
C LYS B 114 13.80 6.31 -24.36
N TRP B 115 14.08 6.04 -25.64
CA TRP B 115 13.12 6.17 -26.74
C TRP B 115 12.25 4.91 -26.86
N HIS B 116 12.86 3.79 -27.28
CA HIS B 116 12.19 2.49 -27.36
C HIS B 116 11.06 2.43 -28.39
N LEU B 117 11.15 3.24 -29.45
CA LEU B 117 10.18 3.20 -30.54
C LEU B 117 10.81 2.75 -31.85
N GLY B 118 12.00 2.17 -31.74
CA GLY B 118 12.79 1.73 -32.90
C GLY B 118 14.17 2.39 -32.90
N HIS B 119 15.20 1.62 -33.23
CA HIS B 119 16.59 2.06 -33.17
C HIS B 119 17.17 2.32 -34.56
N ARG B 120 16.47 1.86 -35.59
CA ARG B 120 16.93 2.02 -36.97
C ARG B 120 16.73 3.47 -37.43
N PRO B 121 17.48 3.90 -38.46
CA PRO B 121 17.45 5.31 -38.88
C PRO B 121 16.06 5.94 -39.11
N GLN B 122 15.11 5.21 -39.69
CA GLN B 122 13.79 5.78 -39.96
C GLN B 122 12.94 6.01 -38.71
N PHE B 123 13.37 5.43 -37.59
CA PHE B 123 12.63 5.53 -36.34
C PHE B 123 13.24 6.53 -35.34
N HIS B 124 14.29 7.23 -35.78
CA HIS B 124 14.97 8.23 -34.95
C HIS B 124 13.98 9.28 -34.47
N PRO B 125 14.04 9.64 -33.17
CA PRO B 125 13.07 10.60 -32.63
C PRO B 125 13.10 11.98 -33.30
N LEU B 126 14.26 12.36 -33.85
CA LEU B 126 14.37 13.61 -34.61
C LEU B 126 13.71 13.55 -35.99
N LYS B 127 13.33 12.34 -36.41
CA LYS B 127 12.51 12.16 -37.61
C LYS B 127 11.03 12.14 -37.23
N HIS B 128 10.75 12.23 -35.94
CA HIS B 128 9.38 12.07 -35.44
C HIS B 128 8.95 13.16 -34.46
N GLY B 129 9.46 14.37 -34.67
CA GLY B 129 8.96 15.56 -34.00
C GLY B 129 9.83 16.18 -32.92
N PHE B 130 10.78 15.41 -32.39
CA PHE B 130 11.70 15.96 -31.40
C PHE B 130 12.81 16.76 -32.08
N ASP B 131 13.10 17.93 -31.52
CA ASP B 131 14.18 18.77 -32.02
C ASP B 131 15.53 18.30 -31.46
N GLU B 132 15.53 17.85 -30.21
CA GLU B 132 16.75 17.49 -29.49
C GLU B 132 16.61 16.15 -28.79
N TRP B 133 17.73 15.47 -28.60
CA TRP B 133 17.77 14.18 -27.92
C TRP B 133 19.07 13.98 -27.18
N PHE B 134 18.97 13.58 -25.92
CA PHE B 134 20.08 12.89 -25.28
C PHE B 134 19.59 11.63 -24.61
N GLY B 135 20.06 10.49 -25.10
CA GLY B 135 19.63 9.21 -24.57
C GLY B 135 19.82 8.08 -25.55
N SER B 136 19.22 6.93 -25.24
CA SER B 136 19.42 5.71 -25.98
C SER B 136 18.12 5.23 -26.62
N PRO B 137 18.21 4.61 -27.83
CA PRO B 137 17.03 4.00 -28.41
C PRO B 137 16.58 2.76 -27.64
N ASN B 138 17.51 2.14 -26.92
CA ASN B 138 17.28 0.84 -26.29
C ASN B 138 17.50 0.86 -24.77
N CYS B 139 17.31 -0.31 -24.14
CA CYS B 139 17.61 -0.49 -22.72
C CYS B 139 19.10 -0.32 -22.44
N HIS B 140 19.48 -0.33 -21.16
CA HIS B 140 20.89 -0.26 -20.79
C HIS B 140 21.47 -1.61 -20.33
N PHE B 141 20.94 -2.70 -20.88
CA PHE B 141 21.52 -4.02 -20.60
C PHE B 141 22.91 -4.17 -21.25
N GLY B 142 23.73 -5.00 -20.61
CA GLY B 142 25.11 -5.26 -21.03
C GLY B 142 25.88 -5.77 -19.83
N PRO B 143 27.23 -5.83 -19.93
CA PRO B 143 28.03 -5.50 -21.11
C PRO B 143 27.97 -6.61 -22.16
N TYR B 144 28.09 -6.23 -23.43
CA TYR B 144 28.17 -7.20 -24.52
C TYR B 144 29.60 -7.30 -25.06
N ASP B 145 29.89 -8.39 -25.76
CA ASP B 145 31.25 -8.64 -26.28
C ASP B 145 31.56 -7.93 -27.60
N ASN B 146 30.57 -7.24 -28.16
CA ASN B 146 30.71 -6.55 -29.45
C ASN B 146 30.95 -7.49 -30.65
N LYS B 147 30.61 -8.76 -30.48
CA LYS B 147 30.71 -9.75 -31.56
C LYS B 147 29.37 -10.47 -31.80
N ALA B 148 28.74 -10.92 -30.71
CA ALA B 148 27.41 -11.53 -30.76
C ALA B 148 26.31 -10.48 -30.61
N ARG B 149 26.57 -9.47 -29.79
CA ARG B 149 25.73 -8.28 -29.66
C ARG B 149 26.62 -7.06 -29.48
N PRO B 150 26.21 -5.90 -30.04
CA PRO B 150 26.96 -4.67 -29.81
C PRO B 150 26.43 -3.90 -28.58
N ASN B 151 27.34 -3.29 -27.83
CA ASN B 151 26.94 -2.42 -26.73
C ASN B 151 26.03 -1.31 -27.23
N ILE B 152 25.05 -0.96 -26.40
CA ILE B 152 23.96 -0.06 -26.78
C ILE B 152 24.41 1.40 -26.85
N PRO B 153 24.05 2.11 -27.94
CA PRO B 153 24.53 3.48 -28.13
C PRO B 153 23.72 4.54 -27.38
N VAL B 154 24.42 5.61 -27.02
CA VAL B 154 23.81 6.80 -26.45
C VAL B 154 23.96 7.90 -27.48
N TYR B 155 22.86 8.58 -27.79
CA TYR B 155 22.84 9.63 -28.80
C TYR B 155 22.85 11.02 -28.20
N ARG B 156 23.48 11.95 -28.90
CA ARG B 156 23.12 13.36 -28.78
C ARG B 156 22.58 13.78 -30.13
N ASP B 157 21.29 14.11 -30.17
CA ASP B 157 20.59 14.48 -31.39
C ASP B 157 20.75 13.40 -32.45
N TRP B 158 21.29 13.73 -33.62
CA TRP B 158 21.35 12.80 -34.75
C TRP B 158 22.35 11.64 -34.60
N GLU B 159 23.40 11.83 -33.82
CA GLU B 159 24.51 10.89 -33.81
C GLU B 159 24.85 10.33 -32.43
N MET B 160 25.35 9.08 -32.43
CA MET B 160 25.86 8.46 -31.22
C MET B 160 27.07 9.23 -30.69
N VAL B 161 27.17 9.35 -29.38
CA VAL B 161 28.36 9.92 -28.74
C VAL B 161 29.12 8.87 -27.93
N GLY B 162 28.63 7.62 -27.96
CA GLY B 162 29.25 6.53 -27.24
C GLY B 162 28.32 5.34 -27.03
N ARG B 163 28.82 4.33 -26.33
CA ARG B 163 28.03 3.15 -26.00
C ARG B 163 28.01 2.95 -24.48
N TYR B 164 26.94 2.33 -23.98
CA TYR B 164 26.88 1.87 -22.60
C TYR B 164 28.01 0.87 -22.35
N TYR B 165 28.53 0.87 -21.12
CA TYR B 165 29.66 0.02 -20.69
C TYR B 165 30.99 0.37 -21.39
N GLU B 166 31.00 1.51 -22.07
CA GLU B 166 32.20 2.06 -22.71
C GLU B 166 32.37 3.53 -22.31
N GLU B 167 31.91 4.46 -23.16
CA GLU B 167 31.92 5.89 -22.82
C GLU B 167 30.95 6.21 -21.67
N PHE B 168 29.97 5.34 -21.47
CA PHE B 168 28.99 5.52 -20.39
C PHE B 168 28.99 4.28 -19.49
N PRO B 169 29.92 4.25 -18.52
CA PRO B 169 30.11 3.09 -17.66
C PRO B 169 28.91 2.82 -16.76
N ILE B 170 28.57 1.55 -16.62
CA ILE B 170 27.62 1.10 -15.60
C ILE B 170 28.32 -0.04 -14.87
N ASN B 171 28.59 0.17 -13.59
CA ASN B 171 29.25 -0.84 -12.77
C ASN B 171 28.20 -1.75 -12.16
N LEU B 172 28.17 -3.01 -12.58
CA LEU B 172 27.19 -3.97 -12.10
C LEU B 172 27.50 -4.51 -10.69
N LYS B 173 28.78 -4.53 -10.32
CA LYS B 173 29.20 -4.97 -9.00
C LYS B 173 28.69 -4.02 -7.92
N THR B 174 28.86 -2.72 -8.16
CA THR B 174 28.51 -1.69 -7.18
C THR B 174 27.18 -1.00 -7.48
N GLY B 175 26.80 -0.98 -8.76
CA GLY B 175 25.60 -0.27 -9.19
C GLY B 175 25.85 1.18 -9.59
N GLU B 176 27.11 1.59 -9.65
CA GLU B 176 27.45 2.98 -9.96
C GLU B 176 27.31 3.35 -11.44
N ALA B 177 26.60 4.45 -11.70
CA ALA B 177 26.57 5.12 -13.01
C ALA B 177 26.11 6.58 -12.85
N ASN B 178 26.62 7.45 -13.70
CA ASN B 178 26.35 8.89 -13.62
C ASN B 178 25.18 9.35 -14.49
N LEU B 179 24.49 8.40 -15.11
CA LEU B 179 23.53 8.68 -16.17
C LEU B 179 22.34 9.54 -15.74
N THR B 180 21.83 9.33 -14.53
CA THR B 180 20.70 10.13 -14.01
C THR B 180 21.10 11.60 -13.80
N GLN B 181 22.34 11.81 -13.35
CA GLN B 181 22.89 13.16 -13.22
C GLN B 181 23.01 13.85 -14.58
N ILE B 182 23.47 13.11 -15.58
CA ILE B 182 23.57 13.60 -16.95
C ILE B 182 22.17 13.97 -17.46
N TYR B 183 21.20 13.08 -17.24
CA TYR B 183 19.81 13.31 -17.63
C TYR B 183 19.20 14.51 -16.93
N LEU B 184 19.52 14.68 -15.65
CA LEU B 184 19.08 15.86 -14.92
C LEU B 184 19.63 17.13 -15.58
N GLN B 185 20.93 17.14 -15.84
CA GLN B 185 21.60 18.27 -16.45
C GLN B 185 21.02 18.58 -17.83
N GLU B 186 20.75 17.54 -18.60
CA GLU B 186 20.13 17.74 -19.91
C GLU B 186 18.80 18.48 -19.78
N ALA B 187 18.02 18.10 -18.76
CA ALA B 187 16.72 18.71 -18.52
C ALA B 187 16.87 20.19 -18.11
N LEU B 188 17.74 20.45 -17.13
CA LEU B 188 17.97 21.80 -16.63
C LEU B 188 18.43 22.73 -17.75
N ASP B 189 19.47 22.31 -18.48
CA ASP B 189 20.02 23.08 -19.59
C ASP B 189 18.96 23.43 -20.63
N PHE B 190 18.13 22.45 -21.00
CA PHE B 190 17.05 22.66 -21.95
C PHE B 190 16.05 23.71 -21.48
N ILE B 191 15.63 23.59 -20.23
CA ILE B 191 14.67 24.53 -19.63
C ILE B 191 15.24 25.95 -19.59
N LYS B 192 16.49 26.09 -19.17
CA LYS B 192 17.15 27.40 -19.15
C LYS B 192 17.19 28.04 -20.53
N ARG B 193 17.47 27.23 -21.55
CA ARG B 193 17.59 27.71 -22.92
C ARG B 193 16.26 28.16 -23.53
N GLN B 194 15.17 27.46 -23.19
CA GLN B 194 13.87 27.74 -23.80
C GLN B 194 13.02 28.79 -23.08
N ALA B 195 13.22 28.92 -21.76
CA ALA B 195 12.42 29.82 -20.93
C ALA B 195 12.47 31.28 -21.41
N ARG B 196 11.28 31.87 -21.56
CA ARG B 196 11.11 33.24 -22.08
C ARG B 196 11.46 33.40 -23.56
N HIS B 197 11.73 32.29 -24.25
CA HIS B 197 12.05 32.30 -25.68
C HIS B 197 11.01 31.52 -26.52
N HIS B 198 10.75 30.28 -26.13
CA HIS B 198 9.75 29.43 -26.78
C HIS B 198 9.04 28.54 -25.77
N PRO B 199 7.76 28.20 -26.03
CA PRO B 199 7.14 27.17 -25.21
C PRO B 199 7.88 25.86 -25.40
N PHE B 200 8.16 25.15 -24.31
CA PHE B 200 8.91 23.90 -24.41
C PHE B 200 8.11 22.64 -24.11
N PHE B 201 8.45 21.57 -24.81
CA PHE B 201 7.99 20.24 -24.46
C PHE B 201 9.20 19.38 -24.12
N LEU B 202 9.28 18.96 -22.86
CA LEU B 202 10.34 18.07 -22.41
C LEU B 202 9.78 16.71 -22.05
N TYR B 203 10.25 15.69 -22.77
CA TYR B 203 9.93 14.30 -22.49
C TYR B 203 11.12 13.69 -21.75
N TRP B 204 10.99 13.60 -20.42
CA TRP B 204 12.08 13.17 -19.55
C TRP B 204 11.85 11.72 -19.17
N ALA B 205 12.48 10.82 -19.93
CA ALA B 205 12.21 9.40 -19.83
C ALA B 205 13.41 8.65 -19.30
N VAL B 206 13.67 8.82 -18.00
CA VAL B 206 14.80 8.17 -17.35
C VAL B 206 14.53 6.68 -17.16
N ASP B 207 15.58 5.91 -16.87
CA ASP B 207 15.46 4.45 -16.79
C ASP B 207 16.38 3.77 -15.75
N ALA B 208 16.86 4.53 -14.76
CA ALA B 208 17.73 3.98 -13.72
C ALA B 208 17.06 2.88 -12.89
N THR B 209 15.73 2.93 -12.81
CA THR B 209 14.94 1.93 -12.07
C THR B 209 14.68 0.64 -12.85
N HIS B 210 15.15 0.59 -14.10
CA HIS B 210 15.05 -0.60 -14.92
C HIS B 210 16.31 -1.44 -14.73
N ALA B 211 16.14 -2.74 -14.43
CA ALA B 211 17.29 -3.63 -14.21
C ALA B 211 18.16 -3.75 -15.48
N PRO B 212 19.49 -3.71 -15.32
CA PRO B 212 20.23 -3.56 -14.06
C PRO B 212 20.18 -2.13 -13.52
N VAL B 213 19.74 -2.00 -12.27
CA VAL B 213 19.52 -0.71 -11.63
C VAL B 213 20.85 -0.01 -11.37
N TYR B 214 20.85 1.33 -11.47
CA TYR B 214 22.06 2.11 -11.16
C TYR B 214 21.75 3.43 -10.46
N ALA B 215 22.78 3.98 -9.83
CA ALA B 215 22.70 5.29 -9.19
C ALA B 215 24.10 5.88 -9.13
N SER B 216 24.18 7.21 -9.08
CA SER B 216 25.47 7.87 -8.89
C SER B 216 25.94 7.61 -7.46
N LYS B 217 27.26 7.64 -7.28
CA LYS B 217 27.90 7.32 -6.01
C LYS B 217 27.24 7.92 -4.75
N PRO B 218 26.96 9.24 -4.74
CA PRO B 218 26.37 9.81 -3.52
C PRO B 218 25.03 9.21 -3.07
N PHE B 219 24.30 8.56 -3.99
CA PHE B 219 23.02 7.95 -3.66
C PHE B 219 23.10 6.46 -3.34
N LEU B 220 24.21 5.83 -3.71
CA LEU B 220 24.39 4.41 -3.46
C LEU B 220 24.44 4.14 -1.96
N GLY B 221 23.67 3.14 -1.53
CA GLY B 221 23.65 2.72 -0.14
C GLY B 221 22.89 3.65 0.79
N THR B 222 22.11 4.57 0.23
CA THR B 222 21.37 5.54 1.03
C THR B 222 19.93 5.10 1.30
N SER B 223 19.46 4.10 0.55
CA SER B 223 18.08 3.64 0.66
C SER B 223 17.93 2.41 1.53
N GLN B 224 16.82 2.33 2.25
CA GLN B 224 16.45 1.12 2.98
C GLN B 224 15.86 0.08 2.03
N ARG B 225 15.75 0.43 0.74
CA ARG B 225 15.20 -0.49 -0.26
C ARG B 225 16.27 -1.13 -1.15
N GLY B 226 17.53 -1.05 -0.74
CA GLY B 226 18.64 -1.51 -1.55
C GLY B 226 18.82 -0.69 -2.82
N ARG B 227 19.56 -1.24 -3.77
CA ARG B 227 19.94 -0.50 -4.99
C ARG B 227 18.75 0.09 -5.77
N TYR B 228 17.64 -0.63 -5.85
CA TYR B 228 16.46 -0.08 -6.51
C TYR B 228 16.02 1.22 -5.83
N GLY B 229 16.05 1.22 -4.51
CA GLY B 229 15.69 2.40 -3.72
C GLY B 229 16.66 3.56 -3.89
N ASP B 230 17.95 3.23 -4.04
CA ASP B 230 18.98 4.25 -4.32
C ASP B 230 18.61 5.01 -5.58
N ALA B 231 18.31 4.28 -6.65
CA ALA B 231 17.88 4.88 -7.91
C ALA B 231 16.66 5.77 -7.76
N VAL B 232 15.66 5.29 -7.00
CA VAL B 232 14.44 6.06 -6.77
C VAL B 232 14.75 7.37 -6.04
N ARG B 233 15.60 7.31 -5.01
CA ARG B 233 16.00 8.51 -4.27
C ARG B 233 16.66 9.54 -5.17
N GLU B 234 17.55 9.09 -6.06
CA GLU B 234 18.23 9.99 -6.99
C GLU B 234 17.24 10.64 -7.96
N ILE B 235 16.37 9.82 -8.54
CA ILE B 235 15.34 10.32 -9.46
C ILE B 235 14.42 11.35 -8.79
N ASP B 236 13.99 11.04 -7.57
CA ASP B 236 13.19 11.95 -6.75
C ASP B 236 13.92 13.27 -6.51
N ASP B 237 15.19 13.17 -6.13
CA ASP B 237 16.03 14.35 -5.91
C ASP B 237 16.16 15.18 -7.19
N SER B 238 16.36 14.51 -8.31
CA SER B 238 16.48 15.16 -9.61
C SER B 238 15.20 15.89 -9.98
N ILE B 239 14.06 15.23 -9.73
CA ILE B 239 12.76 15.83 -9.99
C ILE B 239 12.54 17.09 -9.15
N GLY B 240 12.90 17.05 -7.86
CA GLY B 240 12.86 18.24 -7.01
C GLY B 240 13.63 19.41 -7.59
N LYS B 241 14.82 19.13 -8.13
CA LYS B 241 15.67 20.16 -8.72
C LYS B 241 15.07 20.75 -9.99
N ILE B 242 14.41 19.90 -10.78
CA ILE B 242 13.71 20.36 -11.97
C ILE B 242 12.60 21.35 -11.63
N LEU B 243 11.74 20.96 -10.69
CA LEU B 243 10.62 21.80 -10.24
C LEU B 243 11.12 23.10 -9.60
N GLU B 244 12.19 23.00 -8.80
CA GLU B 244 12.84 24.18 -8.24
C GLU B 244 13.35 25.14 -9.31
N LEU B 245 13.90 24.61 -10.40
CA LEU B 245 14.33 25.47 -11.52
C LEU B 245 13.16 26.24 -12.14
N LEU B 246 12.04 25.54 -12.35
CA LEU B 246 10.84 26.16 -12.94
C LEU B 246 10.34 27.31 -12.07
N GLN B 247 10.39 27.12 -10.75
CA GLN B 247 10.06 28.15 -9.78
C GLN B 247 11.08 29.30 -9.78
N ASP B 248 12.37 28.94 -9.83
CA ASP B 248 13.44 29.94 -9.82
C ASP B 248 13.48 30.79 -11.08
N LEU B 249 13.06 30.21 -12.20
CA LEU B 249 12.95 30.95 -13.45
C LEU B 249 11.65 31.74 -13.54
N HIS B 250 10.77 31.52 -12.56
CA HIS B 250 9.43 32.12 -12.52
C HIS B 250 8.59 31.71 -13.74
N VAL B 251 8.66 30.42 -14.06
CA VAL B 251 7.92 29.88 -15.19
C VAL B 251 6.99 28.73 -14.75
N ALA B 252 7.05 28.40 -13.46
CA ALA B 252 6.21 27.35 -12.86
C ALA B 252 4.72 27.48 -13.17
N ASP B 253 4.20 28.70 -13.05
CA ASP B 253 2.79 29.00 -13.30
C ASP B 253 2.37 28.81 -14.76
N ASN B 254 3.37 28.86 -15.65
CA ASN B 254 3.14 28.58 -17.06
C ASN B 254 3.66 27.19 -17.48
N THR B 255 3.90 26.32 -16.51
CA THR B 255 4.42 24.97 -16.83
C THR B 255 3.55 23.85 -16.25
N PHE B 256 2.97 23.06 -17.14
CA PHE B 256 2.21 21.87 -16.75
C PHE B 256 3.15 20.68 -16.70
N VAL B 257 3.26 20.06 -15.51
CA VAL B 257 4.11 18.89 -15.36
C VAL B 257 3.36 17.64 -14.87
N PHE B 258 3.63 16.51 -15.50
CA PHE B 258 2.98 15.26 -15.16
C PHE B 258 4.01 14.17 -14.91
N PHE B 259 3.81 13.43 -13.82
CA PHE B 259 4.69 12.32 -13.44
C PHE B 259 3.93 11.00 -13.50
N THR B 260 4.47 10.03 -14.24
CA THR B 260 3.87 8.71 -14.32
C THR B 260 4.92 7.62 -14.65
N SER B 261 4.49 6.38 -14.82
CA SER B 261 5.39 5.26 -15.13
C SER B 261 4.81 4.42 -16.28
N ASP B 262 5.67 3.69 -17.01
CA ASP B 262 5.24 3.04 -18.27
C ASP B 262 4.62 1.64 -18.11
N ASN B 263 4.88 1.01 -16.97
CA ASN B 263 4.29 -0.28 -16.62
C ASN B 263 4.58 -0.50 -15.14
N GLY B 264 4.08 -1.60 -14.57
CA GLY B 264 4.23 -1.86 -13.14
C GLY B 264 5.64 -2.28 -12.80
N ALA B 265 5.90 -2.48 -11.51
CA ALA B 265 7.22 -2.89 -11.05
C ALA B 265 7.58 -4.27 -11.61
N ALA B 266 8.86 -4.43 -11.94
CA ALA B 266 9.40 -5.68 -12.46
C ALA B 266 9.72 -6.63 -11.32
N LEU B 267 8.72 -7.41 -10.92
CA LEU B 267 8.84 -8.31 -9.77
C LEU B 267 9.80 -9.48 -9.96
N ILE B 268 10.17 -9.77 -11.21
CA ILE B 268 11.25 -10.72 -11.47
C ILE B 268 12.60 -10.20 -10.93
N SER B 269 12.71 -8.89 -10.73
CA SER B 269 13.95 -8.27 -10.28
C SER B 269 13.94 -7.88 -8.78
N ALA B 270 12.78 -7.94 -8.14
CA ALA B 270 12.67 -7.70 -6.70
C ALA B 270 13.40 -8.82 -5.93
N PRO B 271 13.86 -8.53 -4.69
CA PRO B 271 13.69 -7.32 -3.90
C PRO B 271 14.78 -6.25 -4.07
N GLU B 272 15.85 -6.58 -4.79
CA GLU B 272 17.00 -5.68 -4.83
C GLU B 272 16.98 -4.75 -6.05
N GLN B 273 16.39 -5.23 -7.14
CA GLN B 273 16.46 -4.56 -8.44
C GLN B 273 15.07 -4.29 -9.03
N GLY B 274 14.04 -4.37 -8.19
CA GLY B 274 12.67 -4.18 -8.63
C GLY B 274 11.81 -3.59 -7.53
N GLY B 275 10.76 -2.86 -7.93
CA GLY B 275 9.95 -2.10 -6.99
C GLY B 275 8.74 -2.80 -6.41
N SER B 276 7.78 -1.99 -5.97
CA SER B 276 6.57 -2.48 -5.32
C SER B 276 5.30 -2.02 -6.05
N ASN B 277 4.32 -2.91 -6.10
CA ASN B 277 3.03 -2.58 -6.69
C ASN B 277 1.94 -2.35 -5.64
N GLY B 278 2.38 -2.06 -4.42
CA GLY B 278 1.47 -1.72 -3.33
C GLY B 278 0.59 -2.89 -2.96
N PRO B 279 -0.75 -2.68 -2.97
CA PRO B 279 -1.73 -3.70 -2.64
C PRO B 279 -2.19 -4.54 -3.84
N PHE B 280 -1.62 -4.30 -5.01
CA PHE B 280 -2.10 -4.92 -6.25
C PHE B 280 -1.39 -6.23 -6.62
N LEU B 281 -2.10 -7.05 -7.38
CA LEU B 281 -1.64 -8.39 -7.79
C LEU B 281 -0.60 -8.36 -8.91
N CYS B 282 0.43 -9.20 -8.76
CA CYS B 282 1.48 -9.36 -9.75
C CYS B 282 2.19 -8.04 -10.11
N GLY B 283 2.54 -7.87 -11.38
CA GLY B 283 3.36 -6.74 -11.82
C GLY B 283 3.59 -6.74 -13.31
N LYS B 284 4.70 -6.15 -13.73
CA LYS B 284 5.13 -6.07 -15.13
C LYS B 284 4.91 -7.40 -15.87
N GLN B 285 4.51 -7.30 -17.14
CA GLN B 285 4.23 -8.43 -18.04
C GLN B 285 2.79 -8.97 -17.97
N THR B 286 2.04 -8.60 -16.93
CA THR B 286 0.65 -9.06 -16.78
C THR B 286 -0.37 -7.93 -16.86
N THR B 287 -1.62 -8.31 -17.09
CA THR B 287 -2.73 -7.36 -17.16
C THR B 287 -3.54 -7.33 -15.86
N PHE B 288 -2.94 -7.85 -14.78
CA PHE B 288 -3.45 -7.60 -13.43
C PHE B 288 -3.10 -6.17 -13.04
N GLU B 289 -3.70 -5.68 -11.96
CA GLU B 289 -3.54 -4.29 -11.57
C GLU B 289 -2.07 -3.92 -11.31
N GLY B 290 -1.30 -4.84 -10.74
CA GLY B 290 0.11 -4.59 -10.46
C GLY B 290 0.94 -4.31 -11.70
N GLY B 291 0.45 -4.77 -12.85
CA GLY B 291 1.18 -4.65 -14.11
C GLY B 291 0.97 -3.36 -14.87
N MET B 292 -0.18 -2.73 -14.69
CA MET B 292 -0.55 -1.56 -15.51
C MET B 292 -1.12 -0.37 -14.73
N ARG B 293 -1.37 -0.53 -13.43
CA ARG B 293 -1.78 0.62 -12.61
C ARG B 293 -0.52 1.36 -12.14
N GLU B 294 -0.53 2.67 -12.32
CA GLU B 294 0.67 3.49 -12.15
C GLU B 294 0.47 4.70 -11.25
N PRO B 295 1.54 5.13 -10.56
CA PRO B 295 1.50 6.42 -9.88
C PRO B 295 1.33 7.54 -10.92
N ALA B 296 0.60 8.59 -10.54
CA ALA B 296 0.29 9.65 -11.49
C ALA B 296 0.03 10.97 -10.77
N LEU B 297 0.88 11.96 -11.05
CA LEU B 297 0.78 13.28 -10.43
C LEU B 297 0.75 14.38 -11.47
N ALA B 298 -0.10 15.37 -11.23
CA ALA B 298 -0.16 16.56 -12.07
C ALA B 298 0.16 17.80 -11.23
N TRP B 299 0.95 18.71 -11.80
CA TRP B 299 1.49 19.85 -11.08
C TRP B 299 1.49 21.02 -12.04
N TRP B 300 0.71 22.04 -11.69
CA TRP B 300 0.62 23.26 -12.49
C TRP B 300 0.16 24.40 -11.58
N PRO B 301 1.13 25.03 -10.86
CA PRO B 301 0.80 26.01 -9.83
C PRO B 301 -0.05 27.16 -10.34
N GLY B 302 -1.14 27.44 -9.63
CA GLY B 302 -2.09 28.47 -10.02
C GLY B 302 -3.23 27.96 -10.89
N HIS B 303 -3.10 26.72 -11.37
CA HIS B 303 -4.09 26.16 -12.29
C HIS B 303 -4.70 24.87 -11.74
N VAL B 304 -3.85 23.91 -11.41
CA VAL B 304 -4.29 22.73 -10.70
C VAL B 304 -4.24 23.04 -9.21
N THR B 305 -5.40 22.96 -8.56
CA THR B 305 -5.51 23.21 -7.12
C THR B 305 -4.65 22.21 -6.34
N ALA B 306 -3.90 22.72 -5.37
CA ALA B 306 -2.91 21.93 -4.63
C ALA B 306 -3.51 20.92 -3.66
N GLY B 307 -2.91 19.73 -3.60
CA GLY B 307 -3.22 18.74 -2.57
C GLY B 307 -4.54 18.01 -2.75
N GLN B 308 -4.96 17.89 -4.01
CA GLN B 308 -6.24 17.25 -4.31
C GLN B 308 -6.06 15.82 -4.82
N VAL B 309 -7.14 15.07 -4.80
CA VAL B 309 -7.17 13.69 -5.30
C VAL B 309 -8.33 13.56 -6.27
N SER B 310 -8.07 12.88 -7.39
CA SER B 310 -9.11 12.59 -8.36
C SER B 310 -9.15 11.09 -8.67
N HIS B 311 -10.36 10.51 -8.63
CA HIS B 311 -10.55 9.11 -8.92
C HIS B 311 -10.90 8.87 -10.39
N GLN B 312 -10.69 9.89 -11.21
CA GLN B 312 -10.80 9.76 -12.67
C GLN B 312 -9.98 8.57 -13.13
N LEU B 313 -10.63 7.64 -13.85
CA LEU B 313 -9.91 6.57 -14.51
C LEU B 313 -9.05 7.20 -15.59
N GLY B 314 -7.73 7.14 -15.40
CA GLY B 314 -6.81 7.83 -16.29
C GLY B 314 -5.91 6.90 -17.06
N SER B 315 -5.55 7.32 -18.27
CA SER B 315 -4.64 6.57 -19.10
C SER B 315 -3.40 7.39 -19.49
N ILE B 316 -2.25 6.72 -19.55
CA ILE B 316 -1.04 7.32 -20.10
C ILE B 316 -1.30 7.94 -21.48
N MET B 317 -2.21 7.34 -22.24
CA MET B 317 -2.63 7.86 -23.54
C MET B 317 -3.27 9.25 -23.46
N ASP B 318 -3.90 9.56 -22.32
CA ASP B 318 -4.54 10.87 -22.10
C ASP B 318 -3.55 12.06 -22.16
N LEU B 319 -2.28 11.79 -21.90
CA LEU B 319 -1.25 12.83 -21.92
C LEU B 319 -1.03 13.38 -23.32
N PHE B 320 -1.30 12.54 -24.32
CA PHE B 320 -1.29 12.98 -25.72
C PHE B 320 -2.35 14.06 -25.97
N THR B 321 -3.60 13.73 -25.65
CA THR B 321 -4.76 14.57 -25.96
C THR B 321 -4.79 15.82 -25.07
N THR B 322 -4.47 15.62 -23.79
CA THR B 322 -4.40 16.70 -22.80
C THR B 322 -3.32 17.72 -23.16
N SER B 323 -2.16 17.23 -23.59
CA SER B 323 -1.07 18.10 -24.02
C SER B 323 -1.45 18.91 -25.25
N LEU B 324 -2.14 18.28 -26.20
CA LEU B 324 -2.66 19.02 -27.35
C LEU B 324 -3.64 20.11 -26.93
N ALA B 325 -4.55 19.75 -26.01
CA ALA B 325 -5.53 20.70 -25.47
C ALA B 325 -4.86 21.88 -24.76
N LEU B 326 -3.75 21.60 -24.05
CA LEU B 326 -2.94 22.66 -23.43
C LEU B 326 -2.40 23.66 -24.46
N ALA B 327 -1.91 23.14 -25.58
CA ALA B 327 -1.42 23.95 -26.68
C ALA B 327 -2.56 24.60 -27.48
N GLY B 328 -3.80 24.27 -27.13
CA GLY B 328 -4.97 24.78 -27.84
C GLY B 328 -5.19 24.05 -29.15
N LEU B 329 -4.78 22.79 -29.19
CA LEU B 329 -4.85 21.97 -30.41
C LEU B 329 -5.80 20.79 -30.26
N THR B 330 -6.29 20.31 -31.40
CA THR B 330 -7.21 19.19 -31.46
C THR B 330 -6.47 17.95 -31.96
N PRO B 331 -6.81 16.76 -31.43
CA PRO B 331 -6.19 15.52 -31.90
C PRO B 331 -6.51 15.22 -33.37
N PRO B 332 -5.73 14.32 -34.00
CA PRO B 332 -6.02 13.90 -35.38
C PRO B 332 -7.48 13.44 -35.52
N SER B 333 -8.10 13.80 -36.64
CA SER B 333 -9.51 13.54 -36.87
C SER B 333 -9.78 12.43 -37.88
N ASP B 334 -8.71 11.91 -38.47
CA ASP B 334 -8.79 10.88 -39.50
C ASP B 334 -8.58 9.47 -38.94
N ARG B 335 -8.58 9.36 -37.61
CA ARG B 335 -8.20 8.11 -36.93
C ARG B 335 -8.75 8.07 -35.51
N ALA B 336 -8.85 6.87 -34.96
CA ALA B 336 -9.26 6.69 -33.57
C ALA B 336 -8.19 7.22 -32.62
N ILE B 337 -8.64 7.94 -31.61
CA ILE B 337 -7.75 8.41 -30.55
C ILE B 337 -8.29 7.89 -29.22
N ASP B 338 -7.44 7.20 -28.48
CA ASP B 338 -7.86 6.62 -27.19
C ASP B 338 -7.67 7.61 -26.05
N GLY B 339 -6.65 8.44 -26.16
CA GLY B 339 -6.36 9.46 -25.14
C GLY B 339 -7.46 10.50 -25.02
N LEU B 340 -7.88 10.77 -23.78
CA LEU B 340 -8.93 11.76 -23.50
C LEU B 340 -8.35 13.07 -22.96
N ASN B 341 -9.05 14.16 -23.22
CA ASN B 341 -8.69 15.45 -22.67
C ASN B 341 -9.00 15.48 -21.16
N LEU B 342 -7.95 15.52 -20.35
CA LEU B 342 -8.10 15.47 -18.90
C LEU B 342 -8.22 16.84 -18.24
N LEU B 343 -8.16 17.91 -19.04
CA LEU B 343 -8.20 19.27 -18.47
C LEU B 343 -9.43 19.57 -17.61
N PRO B 344 -10.64 19.17 -18.06
CA PRO B 344 -11.79 19.36 -17.16
C PRO B 344 -11.65 18.66 -15.80
N THR B 345 -10.99 17.49 -15.79
CA THR B 345 -10.65 16.81 -14.54
C THR B 345 -9.61 17.64 -13.76
N LEU B 346 -8.55 18.05 -14.46
CA LEU B 346 -7.41 18.71 -13.84
C LEU B 346 -7.75 20.09 -13.29
N LEU B 347 -8.54 20.85 -14.04
CA LEU B 347 -8.85 22.24 -13.72
C LEU B 347 -10.22 22.45 -13.08
N GLN B 348 -11.19 21.62 -13.44
CA GLN B 348 -12.56 21.77 -12.93
C GLN B 348 -13.02 20.64 -12.00
N GLY B 349 -12.19 19.60 -11.87
CA GLY B 349 -12.51 18.46 -11.02
C GLY B 349 -13.64 17.60 -11.58
N ARG B 350 -13.70 17.49 -12.90
CA ARG B 350 -14.74 16.70 -13.58
C ARG B 350 -14.40 15.22 -13.62
N LEU B 351 -15.43 14.39 -13.79
CA LEU B 351 -15.27 12.94 -13.93
C LEU B 351 -15.88 12.44 -15.23
N MET B 352 -15.09 11.66 -15.98
CA MET B 352 -15.57 11.05 -17.22
C MET B 352 -15.70 9.54 -17.04
N ASP B 353 -16.85 9.00 -17.42
CA ASP B 353 -17.11 7.56 -17.35
C ASP B 353 -16.49 6.84 -18.56
N ARG B 354 -15.21 6.54 -18.46
CA ARG B 354 -14.45 5.96 -19.58
C ARG B 354 -13.96 4.54 -19.30
N PRO B 355 -13.74 3.74 -20.35
CA PRO B 355 -13.21 2.39 -20.12
C PRO B 355 -11.68 2.37 -20.11
N ILE B 356 -11.11 1.50 -19.28
CA ILE B 356 -9.68 1.19 -19.37
C ILE B 356 -9.58 -0.20 -19.94
N PHE B 357 -9.05 -0.32 -21.16
CA PHE B 357 -8.80 -1.62 -21.77
C PHE B 357 -7.36 -2.06 -21.47
N TYR B 358 -7.20 -3.33 -21.10
CA TYR B 358 -5.89 -3.92 -20.81
C TYR B 358 -5.57 -4.97 -21.88
N TYR B 359 -4.64 -4.64 -22.77
CA TYR B 359 -4.18 -5.55 -23.80
C TYR B 359 -2.87 -6.21 -23.39
N ARG B 360 -2.71 -7.46 -23.82
CA ARG B 360 -1.43 -8.13 -23.80
C ARG B 360 -1.27 -8.66 -25.22
N GLY B 361 -0.33 -8.09 -25.96
CA GLY B 361 -0.18 -8.42 -27.38
C GLY B 361 -1.45 -8.18 -28.17
N ASP B 362 -1.88 -9.21 -28.91
CA ASP B 362 -3.05 -9.09 -29.80
C ASP B 362 -4.37 -9.32 -29.07
N THR B 363 -4.30 -9.51 -27.75
CA THR B 363 -5.48 -9.92 -26.98
C THR B 363 -5.95 -8.87 -25.96
N LEU B 364 -7.23 -8.50 -26.03
CA LEU B 364 -7.87 -7.68 -25.01
C LEU B 364 -8.14 -8.57 -23.79
N MET B 365 -7.26 -8.48 -22.79
CA MET B 365 -7.35 -9.37 -21.63
C MET B 365 -8.43 -8.97 -20.66
N ALA B 366 -8.59 -7.66 -20.46
CA ALA B 366 -9.43 -7.14 -19.41
C ALA B 366 -9.92 -5.74 -19.73
N ALA B 367 -11.00 -5.34 -19.06
CA ALA B 367 -11.56 -4.01 -19.22
C ALA B 367 -12.12 -3.56 -17.89
N THR B 368 -11.86 -2.31 -17.53
CA THR B 368 -12.39 -1.71 -16.31
C THR B 368 -13.37 -0.58 -16.62
N LEU B 369 -14.55 -0.65 -16.00
CA LEU B 369 -15.54 0.43 -16.02
C LEU B 369 -16.00 0.71 -14.61
N GLY B 370 -15.97 1.98 -14.21
CA GLY B 370 -16.34 2.36 -12.86
C GLY B 370 -15.45 1.67 -11.85
N GLN B 371 -16.07 0.88 -10.98
CA GLN B 371 -15.36 0.11 -9.95
C GLN B 371 -15.05 -1.33 -10.39
N HIS B 372 -15.66 -1.76 -11.50
CA HIS B 372 -15.58 -3.17 -11.90
C HIS B 372 -14.56 -3.46 -13.01
N LYS B 373 -13.86 -4.58 -12.87
CA LYS B 373 -12.88 -5.03 -13.85
C LYS B 373 -13.25 -6.44 -14.30
N ALA B 374 -13.38 -6.61 -15.61
CA ALA B 374 -13.69 -7.92 -16.20
C ALA B 374 -12.49 -8.48 -16.95
N HIS B 375 -12.06 -9.67 -16.57
CA HIS B 375 -11.01 -10.38 -17.29
C HIS B 375 -11.64 -11.36 -18.26
N PHE B 376 -11.37 -11.16 -19.55
CA PHE B 376 -11.81 -12.09 -20.59
C PHE B 376 -10.78 -13.19 -20.79
N TRP B 377 -9.54 -12.89 -20.45
CA TRP B 377 -8.44 -13.86 -20.48
C TRP B 377 -7.56 -13.63 -19.25
N THR B 378 -7.03 -14.71 -18.68
CA THR B 378 -6.00 -14.59 -17.65
C THR B 378 -4.73 -15.31 -18.07
N TRP B 379 -3.60 -14.80 -17.60
CA TRP B 379 -2.29 -15.43 -17.82
C TRP B 379 -1.23 -14.71 -16.98
N THR B 380 -0.34 -15.48 -16.38
CA THR B 380 0.86 -14.90 -15.79
C THR B 380 1.99 -15.19 -16.78
N ASN B 381 2.56 -16.39 -16.69
CA ASN B 381 3.47 -16.92 -17.70
C ASN B 381 3.29 -18.43 -17.82
N SER B 382 3.91 -19.03 -18.84
CA SER B 382 3.79 -20.47 -19.08
C SER B 382 4.38 -21.30 -17.95
N TRP B 383 3.96 -22.56 -17.87
CA TRP B 383 4.47 -23.50 -16.88
C TRP B 383 5.97 -23.75 -17.05
N GLU B 384 6.45 -23.74 -18.30
CA GLU B 384 7.87 -23.94 -18.59
C GLU B 384 8.72 -22.81 -18.02
N ASN B 385 8.30 -21.57 -18.26
CA ASN B 385 9.02 -20.40 -17.75
C ASN B 385 8.98 -20.31 -16.23
N PHE B 386 7.86 -20.69 -15.63
CA PHE B 386 7.74 -20.71 -14.17
C PHE B 386 8.70 -21.70 -13.52
N ARG B 387 8.80 -22.90 -14.10
CA ARG B 387 9.68 -23.96 -13.60
C ARG B 387 11.16 -23.61 -13.76
N GLN B 388 11.44 -22.56 -14.53
CA GLN B 388 12.81 -22.06 -14.70
C GLN B 388 13.10 -20.82 -13.84
N GLY B 389 12.23 -20.56 -12.86
CA GLY B 389 12.47 -19.51 -11.86
C GLY B 389 11.87 -18.14 -12.15
N ILE B 390 11.22 -17.99 -13.30
CA ILE B 390 10.58 -16.73 -13.66
C ILE B 390 9.18 -16.68 -13.05
N ASP B 391 9.02 -15.76 -12.11
CA ASP B 391 7.77 -15.57 -11.38
C ASP B 391 7.38 -14.09 -11.43
N PHE B 392 6.31 -13.80 -12.17
CA PHE B 392 5.78 -12.44 -12.29
C PHE B 392 5.00 -11.99 -11.05
N CYS B 393 4.67 -12.95 -10.18
CA CYS B 393 3.83 -12.71 -9.01
C CYS B 393 4.40 -13.36 -7.74
N PRO B 394 5.65 -13.01 -7.36
CA PRO B 394 6.27 -13.69 -6.22
C PRO B 394 5.43 -13.57 -4.94
N GLY B 395 5.26 -14.69 -4.25
CA GLY B 395 4.49 -14.73 -3.02
C GLY B 395 2.99 -14.71 -3.20
N GLN B 396 2.53 -14.72 -4.46
CA GLN B 396 1.11 -14.55 -4.74
C GLN B 396 0.52 -15.71 -5.54
N ASN B 397 -0.68 -16.13 -5.16
CA ASN B 397 -1.43 -17.16 -5.86
C ASN B 397 -2.92 -17.00 -5.57
N VAL B 398 -3.67 -16.60 -6.59
CA VAL B 398 -5.13 -16.51 -6.47
C VAL B 398 -5.73 -17.64 -7.31
N SER B 399 -6.41 -18.57 -6.65
CA SER B 399 -6.96 -19.77 -7.30
C SER B 399 -7.84 -19.44 -8.50
N GLY B 400 -7.55 -20.10 -9.62
CA GLY B 400 -8.32 -19.92 -10.85
C GLY B 400 -8.17 -18.55 -11.50
N VAL B 401 -7.28 -17.73 -10.93
CA VAL B 401 -7.07 -16.35 -11.40
C VAL B 401 -5.64 -16.17 -11.91
N THR B 402 -4.65 -16.45 -11.07
CA THR B 402 -3.25 -16.40 -11.47
C THR B 402 -2.84 -17.76 -12.04
N THR B 403 -3.12 -17.95 -13.33
CA THR B 403 -2.91 -19.24 -13.99
CA THR B 403 -2.94 -19.23 -14.01
C THR B 403 -1.70 -19.22 -14.91
N HIS B 404 -1.02 -20.36 -14.99
CA HIS B 404 0.13 -20.51 -15.89
C HIS B 404 -0.24 -20.91 -17.32
N ASN B 405 -1.53 -21.11 -17.56
CA ASN B 405 -2.06 -21.27 -18.91
C ASN B 405 -2.88 -20.04 -19.31
N LEU B 406 -2.87 -19.70 -20.59
CA LEU B 406 -3.70 -18.63 -21.12
C LEU B 406 -5.16 -19.10 -21.11
N GLU B 407 -5.92 -18.59 -20.15
CA GLU B 407 -7.24 -19.13 -19.86
C GLU B 407 -8.34 -18.29 -20.51
N ASP B 408 -9.17 -18.94 -21.31
CA ASP B 408 -10.26 -18.30 -22.05
C ASP B 408 -11.51 -18.14 -21.18
N HIS B 409 -11.78 -16.90 -20.77
CA HIS B 409 -13.00 -16.58 -20.02
C HIS B 409 -13.93 -15.68 -20.83
N THR B 410 -13.80 -15.68 -22.15
CA THR B 410 -14.56 -14.74 -23.00
C THR B 410 -16.07 -14.83 -22.80
N LYS B 411 -16.57 -16.03 -22.49
CA LYS B 411 -18.01 -16.26 -22.34
C LYS B 411 -18.50 -16.10 -20.91
N LEU B 412 -17.58 -16.09 -19.96
CA LEU B 412 -17.90 -15.86 -18.56
C LEU B 412 -16.71 -15.18 -17.87
N PRO B 413 -16.56 -13.86 -18.08
CA PRO B 413 -15.43 -13.08 -17.55
C PRO B 413 -15.33 -13.12 -16.03
N LEU B 414 -14.10 -13.13 -15.53
CA LEU B 414 -13.85 -12.99 -14.10
C LEU B 414 -13.98 -11.52 -13.71
N ILE B 415 -15.00 -11.19 -12.93
CA ILE B 415 -15.24 -9.80 -12.58
C ILE B 415 -14.89 -9.50 -11.13
N PHE B 416 -14.14 -8.42 -10.95
CA PHE B 416 -13.70 -7.95 -9.63
C PHE B 416 -14.26 -6.57 -9.36
N HIS B 417 -14.58 -6.31 -8.10
CA HIS B 417 -14.90 -4.97 -7.66
C HIS B 417 -13.63 -4.39 -7.03
N LEU B 418 -13.03 -3.43 -7.73
CA LEU B 418 -11.70 -2.94 -7.39
C LEU B 418 -11.64 -2.13 -6.10
N GLY B 419 -12.74 -1.44 -5.77
CA GLY B 419 -12.81 -0.68 -4.54
C GLY B 419 -12.79 -1.61 -3.33
N ARG B 420 -13.54 -2.70 -3.44
CA ARG B 420 -13.71 -3.66 -2.36
C ARG B 420 -12.54 -4.63 -2.30
N ASP B 421 -11.91 -4.85 -3.46
CA ASP B 421 -10.95 -5.95 -3.63
C ASP B 421 -9.85 -5.51 -4.59
N PRO B 422 -8.95 -4.61 -4.14
CA PRO B 422 -7.90 -4.08 -5.01
C PRO B 422 -6.94 -5.17 -5.52
N GLY B 423 -6.69 -6.18 -4.68
CA GLY B 423 -5.74 -7.24 -5.02
C GLY B 423 -6.29 -8.34 -5.91
N GLU B 424 -7.47 -8.11 -6.47
CA GLU B 424 -8.11 -9.07 -7.36
C GLU B 424 -8.10 -10.50 -6.78
N ARG B 425 -8.59 -10.62 -5.56
CA ARG B 425 -8.55 -11.88 -4.80
C ARG B 425 -9.89 -12.63 -4.80
N PHE B 426 -10.98 -11.90 -5.01
CA PHE B 426 -12.32 -12.45 -4.82
C PHE B 426 -13.24 -12.20 -6.00
N PRO B 427 -13.20 -13.08 -7.02
CA PRO B 427 -14.11 -12.95 -8.15
C PRO B 427 -15.57 -12.93 -7.68
N LEU B 428 -16.38 -12.09 -8.32
CA LEU B 428 -17.81 -12.01 -8.02
C LEU B 428 -18.48 -13.30 -8.47
N SER B 429 -19.44 -13.78 -7.67
CA SER B 429 -20.21 -14.96 -8.04
C SER B 429 -20.95 -14.69 -9.35
N PHE B 430 -20.90 -15.65 -10.25
CA PHE B 430 -21.52 -15.51 -11.57
C PHE B 430 -23.05 -15.38 -11.52
N ALA B 431 -23.64 -15.71 -10.37
CA ALA B 431 -25.09 -15.71 -10.21
C ALA B 431 -25.65 -14.39 -9.65
N SER B 432 -24.77 -13.50 -9.21
CA SER B 432 -25.20 -12.26 -8.54
C SER B 432 -25.70 -11.19 -9.50
N ALA B 433 -26.56 -10.31 -8.99
CA ALA B 433 -27.08 -9.19 -9.75
C ALA B 433 -25.98 -8.16 -10.08
N GLU B 434 -25.01 -8.05 -9.18
CA GLU B 434 -23.86 -7.15 -9.37
C GLU B 434 -23.01 -7.60 -10.56
N TYR B 435 -22.74 -8.91 -10.64
CA TYR B 435 -22.06 -9.51 -11.78
C TYR B 435 -22.78 -9.19 -13.10
N GLN B 436 -24.07 -9.49 -13.14
CA GLN B 436 -24.89 -9.31 -14.35
C GLN B 436 -24.87 -7.87 -14.85
N GLU B 437 -25.04 -6.91 -13.93
CA GLU B 437 -24.98 -5.49 -14.29
C GLU B 437 -23.61 -5.08 -14.81
N ALA B 438 -22.55 -5.51 -14.11
CA ALA B 438 -21.18 -5.22 -14.54
C ALA B 438 -20.86 -5.89 -15.87
N LEU B 439 -21.29 -7.15 -16.03
CA LEU B 439 -21.09 -7.89 -17.28
C LEU B 439 -21.66 -7.16 -18.49
N SER B 440 -22.92 -6.72 -18.40
CA SER B 440 -23.60 -6.04 -19.50
CA SER B 440 -23.60 -6.04 -19.50
C SER B 440 -22.99 -4.66 -19.79
N ARG B 441 -22.62 -3.95 -18.73
CA ARG B 441 -22.03 -2.62 -18.86
C ARG B 441 -20.66 -2.69 -19.53
N ILE B 442 -19.85 -3.65 -19.09
CA ILE B 442 -18.49 -3.78 -19.62
C ILE B 442 -18.50 -4.39 -21.03
N THR B 443 -19.31 -5.42 -21.26
CA THR B 443 -19.37 -6.06 -22.58
C THR B 443 -19.83 -5.09 -23.66
N SER B 444 -20.79 -4.23 -23.32
CA SER B 444 -21.29 -3.23 -24.26
C SER B 444 -20.17 -2.34 -24.78
N VAL B 445 -19.36 -1.78 -23.88
CA VAL B 445 -18.29 -0.86 -24.27
CA VAL B 445 -18.28 -0.86 -24.24
C VAL B 445 -17.13 -1.58 -24.96
N VAL B 446 -16.89 -2.83 -24.58
CA VAL B 446 -15.85 -3.64 -25.23
C VAL B 446 -16.25 -3.94 -26.67
N GLN B 447 -17.51 -4.35 -26.85
CA GLN B 447 -18.07 -4.64 -28.18
C GLN B 447 -17.97 -3.42 -29.08
N GLN B 448 -18.39 -2.26 -28.58
CA GLN B 448 -18.31 -1.00 -29.33
C GLN B 448 -16.88 -0.70 -29.77
N HIS B 449 -15.94 -0.95 -28.86
CA HIS B 449 -14.52 -0.75 -29.12
C HIS B 449 -14.03 -1.72 -30.21
N GLN B 450 -14.34 -3.00 -30.05
CA GLN B 450 -13.89 -4.03 -31.00
C GLN B 450 -14.51 -3.89 -32.39
N GLU B 451 -15.77 -3.48 -32.47
CA GLU B 451 -16.45 -3.33 -33.74
C GLU B 451 -15.92 -2.16 -34.57
N ALA B 452 -15.42 -1.15 -33.89
CA ALA B 452 -14.87 0.05 -34.55
C ALA B 452 -13.37 -0.10 -34.81
N LEU B 453 -12.78 -1.17 -34.30
CA LEU B 453 -11.33 -1.38 -34.40
C LEU B 453 -10.91 -2.21 -35.60
N VAL B 454 -10.06 -1.62 -36.44
CA VAL B 454 -9.31 -2.38 -37.43
C VAL B 454 -7.85 -2.34 -36.97
N PRO B 455 -7.31 -3.49 -36.53
CA PRO B 455 -5.98 -3.49 -35.96
C PRO B 455 -4.92 -3.13 -36.99
N ALA B 456 -3.89 -2.40 -36.55
CA ALA B 456 -2.77 -2.08 -37.43
C ALA B 456 -1.95 -3.33 -37.73
N GLN B 457 -1.16 -3.30 -38.79
CA GLN B 457 -0.23 -4.39 -39.05
C GLN B 457 0.85 -4.37 -37.96
N PRO B 458 1.19 -5.55 -37.43
CA PRO B 458 2.12 -5.61 -36.29
C PRO B 458 3.57 -5.27 -36.67
N GLN B 459 4.20 -4.44 -35.84
CA GLN B 459 5.57 -3.97 -36.08
C GLN B 459 6.61 -4.84 -35.38
N LEU B 460 6.15 -5.73 -34.50
CA LEU B 460 7.06 -6.45 -33.61
C LEU B 460 7.11 -7.97 -33.89
N ASN B 461 6.93 -8.36 -35.15
CA ASN B 461 7.01 -9.78 -35.54
C ASN B 461 8.39 -10.23 -36.00
N VAL B 462 9.15 -9.30 -36.58
CA VAL B 462 10.34 -9.65 -37.34
C VAL B 462 11.62 -9.12 -36.67
N CYS B 463 12.59 -10.01 -36.54
CA CYS B 463 13.89 -9.67 -35.98
C CYS B 463 14.99 -9.99 -36.99
N ASN B 464 16.10 -9.26 -36.92
CA ASN B 464 17.25 -9.52 -37.77
C ASN B 464 18.55 -9.19 -37.03
N TRP B 465 19.38 -10.21 -36.86
CA TRP B 465 20.67 -10.07 -36.16
C TRP B 465 21.48 -8.90 -36.73
N ALA B 466 21.45 -8.73 -38.04
CA ALA B 466 22.24 -7.71 -38.74
C ALA B 466 21.78 -6.26 -38.53
N VAL B 467 20.54 -6.04 -38.06
CA VAL B 467 20.05 -4.66 -37.81
C VAL B 467 20.35 -4.10 -36.43
N MET B 468 21.02 -4.88 -35.58
CA MET B 468 21.47 -4.39 -34.27
C MET B 468 22.42 -3.21 -34.43
N ASN B 469 22.71 -2.53 -33.32
CA ASN B 469 23.48 -1.28 -33.35
C ASN B 469 24.99 -1.43 -33.63
N TRP B 470 25.32 -2.16 -34.70
CA TRP B 470 26.72 -2.41 -35.07
C TRP B 470 27.44 -1.12 -35.44
N ALA B 471 26.75 -0.28 -36.22
CA ALA B 471 27.34 0.93 -36.78
C ALA B 471 26.34 2.09 -36.81
N PRO B 472 26.03 2.64 -35.62
CA PRO B 472 25.13 3.79 -35.56
C PRO B 472 25.78 5.03 -36.18
N PRO B 473 24.97 5.99 -36.67
CA PRO B 473 25.55 7.20 -37.26
C PRO B 473 26.43 7.90 -36.22
N GLY B 474 27.63 8.28 -36.65
CA GLY B 474 28.59 8.89 -35.75
C GLY B 474 29.70 7.96 -35.29
N CYS B 475 29.56 6.66 -35.60
CA CYS B 475 30.58 5.68 -35.21
C CYS B 475 31.91 5.87 -35.95
N GLU B 476 31.84 6.31 -37.21
CA GLU B 476 33.02 6.44 -38.07
C GLU B 476 34.06 7.40 -37.50
N LYS B 477 33.65 8.63 -37.20
CA LYS B 477 34.53 9.64 -36.61
C LYS B 477 35.04 9.26 -35.22
N LEU B 478 34.26 8.46 -34.50
CA LEU B 478 34.68 7.97 -33.18
C LEU B 478 35.48 6.67 -33.24
N GLY B 479 35.55 6.07 -34.43
CA GLY B 479 36.19 4.77 -34.63
C GLY B 479 35.52 3.64 -33.86
N LYS B 480 34.18 3.66 -33.80
CA LYS B 480 33.42 2.71 -33.00
C LYS B 480 32.48 1.80 -33.80
N CYS B 481 32.62 1.81 -35.13
CA CYS B 481 31.80 0.96 -35.98
C CYS B 481 32.23 -0.49 -35.82
N LEU B 482 31.24 -1.38 -35.74
CA LEU B 482 31.51 -2.81 -35.60
C LEU B 482 31.03 -3.55 -36.84
N THR B 483 31.81 -4.54 -37.27
CA THR B 483 31.43 -5.37 -38.40
C THR B 483 30.28 -6.31 -38.00
N PRO B 484 29.15 -6.21 -38.72
CA PRO B 484 27.97 -7.02 -38.42
C PRO B 484 28.13 -8.46 -38.89
N PRO B 485 27.36 -9.39 -38.30
CA PRO B 485 27.36 -10.76 -38.80
C PRO B 485 26.46 -10.87 -40.01
N GLU B 486 26.53 -12.01 -40.70
CA GLU B 486 25.61 -12.29 -41.78
C GLU B 486 24.36 -12.93 -41.18
N SER B 487 23.19 -12.49 -41.63
CA SER B 487 21.92 -13.06 -41.17
C SER B 487 20.77 -12.77 -42.13
N ILE B 488 19.63 -13.41 -41.86
CA ILE B 488 18.38 -13.09 -42.54
C ILE B 488 17.32 -12.69 -41.53
N PRO B 489 16.38 -11.81 -41.95
CA PRO B 489 15.26 -11.51 -41.08
C PRO B 489 14.47 -12.79 -40.77
N LYS B 490 14.03 -12.93 -39.52
CA LYS B 490 13.19 -14.06 -39.12
C LYS B 490 12.20 -13.67 -38.03
N LYS B 491 11.29 -14.57 -37.71
CA LYS B 491 10.29 -14.34 -36.68
C LYS B 491 10.98 -14.22 -35.32
N CYS B 492 10.67 -13.16 -34.59
CA CYS B 492 11.19 -12.98 -33.23
C CYS B 492 10.66 -14.07 -32.30
N LEU B 493 11.46 -14.40 -31.28
CA LEU B 493 11.05 -15.37 -30.26
C LEU B 493 10.55 -14.64 -29.01
N TRP B 494 9.24 -14.66 -28.80
CA TRP B 494 8.62 -13.96 -27.68
C TRP B 494 8.19 -14.89 -26.55
#